data_6L8L
#
_entry.id   6L8L
#
_cell.length_a   42.604
_cell.length_b   63.407
_cell.length_c   113.922
_cell.angle_alpha   89.970
_cell.angle_beta   89.940
_cell.angle_gamma   90.030
#
_symmetry.space_group_name_H-M   'P 1'
#
loop_
_entity.id
_entity.type
_entity.pdbx_description
1 polymer 'Proto-oncogene tyrosine-protein kinase Src'
2 non-polymer 1-{(3R)-3-[4-amino-3-(4-phenoxyphenyl)-1H-pyrazolo[3,4-d]pyrimidin-1-yl]piperidin-1-yl}prop-2-en-1-one
3 water water
#
_entity_poly.entity_id   1
_entity_poly.type   'polypeptide(L)'
_entity_poly.pdbx_seq_one_letter_code
;GHMQTQGLAKDAWEIPRESLRLEVKLGQGCFGEVWMGTWNGTTRVAIKTLKPGTMSPEAFLQEAQVMKKLRHEKLVQLYA
VVSEEPIYIVTEYMSKGSLLDFLKGEMGKYLRLPQLVDMAAQIASGMAYVERMNYVHRDLRAANILVGENLVCKVADFGL
ARLIEDNEYTARQGAKFPIKWTAPEAALYGRFTIKSDVWSFGILLTELTTKGRVPYPGMVNREVLDQVERGYRMPCPPEC
PESLHDLMCQCWRKDPEERPTFEYLQAFLEDYFTSTEPQYQPGENL
;
_entity_poly.pdbx_strand_id   A,B,C,D
#
loop_
_chem_comp.id
_chem_comp.type
_chem_comp.name
_chem_comp.formula
1E8 non-polymer 1-{(3R)-3-[4-amino-3-(4-phenoxyphenyl)-1H-pyrazolo[3,4-d]pyrimidin-1-yl]piperidin-1-yl}prop-2-en-1-one 'C25 H24 N6 O2'
#
# COMPACT_ATOMS: atom_id res chain seq x y z
N GLU A 14 36.84 23.16 51.94
CA GLU A 14 36.98 22.52 50.64
C GLU A 14 37.01 23.54 49.52
N ILE A 15 37.10 24.82 49.88
CA ILE A 15 36.97 25.93 48.94
C ILE A 15 38.37 26.46 48.62
N PRO A 16 38.92 26.18 47.43
CA PRO A 16 40.12 26.88 46.99
C PRO A 16 39.73 28.11 46.17
N ARG A 17 40.71 28.99 45.98
CA ARG A 17 40.36 30.19 45.24
C ARG A 17 40.67 30.05 43.75
N GLU A 18 39.98 30.88 42.96
CA GLU A 18 39.93 30.80 41.50
C GLU A 18 41.22 31.32 40.86
N SER A 19 42.31 30.60 41.11
CA SER A 19 43.57 30.89 40.43
C SER A 19 44.25 29.60 39.99
N LEU A 20 43.44 28.66 39.50
CA LEU A 20 43.89 27.47 38.77
C LEU A 20 43.08 27.44 37.49
N ARG A 21 43.73 27.57 36.34
CA ARG A 21 42.99 27.94 35.13
C ARG A 21 42.78 26.75 34.19
N LEU A 22 41.69 26.83 33.43
CA LEU A 22 41.20 25.81 32.52
C LEU A 22 41.96 25.83 31.19
N GLU A 23 42.15 24.65 30.62
CA GLU A 23 42.91 24.46 29.38
C GLU A 23 42.02 24.19 28.18
N VAL A 24 41.31 23.06 28.18
CA VAL A 24 40.48 22.57 27.08
C VAL A 24 39.03 22.61 27.52
N LYS A 25 38.16 23.16 26.67
CA LYS A 25 36.72 23.17 26.95
C LYS A 25 36.11 21.92 26.34
N LEU A 26 35.57 21.05 27.22
CA LEU A 26 35.06 19.76 26.76
C LEU A 26 33.69 19.88 26.11
N GLY A 27 32.92 20.90 26.48
CA GLY A 27 31.59 21.00 25.91
C GLY A 27 30.76 22.07 26.58
N GLN A 28 29.67 22.45 25.93
CA GLN A 28 28.75 23.44 26.48
C GLN A 28 27.38 22.82 26.64
N GLY A 29 26.77 23.10 27.80
CA GLY A 29 25.45 22.61 28.11
C GLY A 29 24.53 23.76 28.47
N CYS A 30 23.29 23.39 28.83
CA CYS A 30 22.28 24.40 29.14
C CYS A 30 22.66 25.22 30.37
N PHE A 31 23.11 24.57 31.44
CA PHE A 31 23.45 25.27 32.68
C PHE A 31 24.97 25.24 32.91
N GLY A 32 25.67 26.22 32.32
CA GLY A 32 27.09 26.35 32.55
C GLY A 32 27.95 25.59 31.55
N GLU A 33 29.27 25.71 31.73
CA GLU A 33 30.29 25.05 30.92
C GLU A 33 31.00 23.97 31.74
N VAL A 34 31.69 23.06 31.03
CA VAL A 34 32.60 22.10 31.66
C VAL A 34 33.92 22.13 30.91
N TRP A 35 35.03 22.21 31.64
CA TRP A 35 36.37 22.36 31.10
C TRP A 35 37.30 21.25 31.59
N MET A 36 38.42 21.12 30.89
CA MET A 36 39.51 20.21 31.24
C MET A 36 40.74 21.05 31.60
N GLY A 37 41.22 20.91 32.83
CA GLY A 37 42.34 21.71 33.30
C GLY A 37 43.25 21.01 34.28
N THR A 38 43.99 21.78 35.07
CA THR A 38 44.95 21.26 36.03
C THR A 38 44.79 21.97 37.37
N TRP A 39 45.20 21.31 38.43
CA TRP A 39 44.94 21.74 39.80
C TRP A 39 46.22 21.51 40.59
N ASN A 40 46.74 22.56 41.22
CA ASN A 40 48.00 22.47 41.96
C ASN A 40 49.15 22.05 41.05
N GLY A 41 49.06 22.39 39.75
CA GLY A 41 50.15 22.25 38.82
C GLY A 41 50.35 20.89 38.19
N THR A 42 49.84 19.81 38.77
CA THR A 42 50.14 18.51 38.17
C THR A 42 48.94 17.59 38.08
N THR A 43 48.00 17.67 39.03
CA THR A 43 46.76 16.92 38.98
C THR A 43 45.99 17.29 37.72
N ARG A 44 45.72 16.29 36.86
CA ARG A 44 44.80 16.53 35.76
C ARG A 44 43.37 16.43 36.25
N VAL A 45 42.58 17.45 35.97
CA VAL A 45 41.29 17.62 36.64
C VAL A 45 40.28 18.19 35.67
N ALA A 46 39.04 17.72 35.75
CA ALA A 46 37.93 18.32 34.99
C ALA A 46 37.18 19.30 35.88
N ILE A 47 36.91 20.49 35.35
CA ILE A 47 36.28 21.58 36.10
C ILE A 47 34.95 21.93 35.44
N LYS A 48 33.85 21.75 36.15
CA LYS A 48 32.54 22.18 35.67
C LYS A 48 32.25 23.59 36.16
N THR A 49 32.11 24.54 35.23
CA THR A 49 31.69 25.89 35.56
C THR A 49 30.16 25.99 35.55
N LEU A 50 29.65 26.85 36.41
CA LEU A 50 28.20 27.05 36.52
C LEU A 50 27.99 28.55 36.35
N LYS A 51 27.42 28.96 35.22
CA LYS A 51 27.14 30.38 34.95
C LYS A 51 26.07 30.97 35.87
N PRO A 52 25.95 32.30 35.89
CA PRO A 52 24.93 32.89 36.80
C PRO A 52 23.52 32.50 36.46
N GLY A 53 23.17 31.24 36.74
CA GLY A 53 21.85 30.71 36.52
C GLY A 53 21.04 30.87 37.79
N THR A 54 21.07 29.84 38.61
CA THR A 54 20.56 29.92 39.98
C THR A 54 21.64 29.36 40.91
N MET A 55 22.70 30.15 40.99
CA MET A 55 23.84 29.91 41.85
C MET A 55 23.39 30.27 43.27
N SER A 56 23.33 29.23 44.09
CA SER A 56 22.93 29.36 45.48
C SER A 56 24.24 29.43 46.25
N PRO A 57 24.92 30.56 46.12
CA PRO A 57 26.22 30.75 46.75
C PRO A 57 26.06 30.33 48.19
N GLU A 58 24.84 30.31 48.70
CA GLU A 58 24.76 29.84 50.09
C GLU A 58 24.19 28.41 50.15
N ALA A 59 22.98 28.22 49.62
CA ALA A 59 22.37 26.89 49.58
C ALA A 59 23.19 25.91 48.74
N PHE A 60 24.09 26.41 47.89
CA PHE A 60 25.03 25.53 47.19
C PHE A 60 26.16 25.05 48.11
N LEU A 61 26.60 25.84 49.10
CA LEU A 61 27.69 25.37 49.95
C LEU A 61 27.18 24.51 51.10
N GLN A 62 25.90 24.65 51.45
CA GLN A 62 25.25 23.64 52.29
C GLN A 62 25.18 22.28 51.60
N GLU A 63 25.44 22.24 50.28
CA GLU A 63 25.64 21.00 49.52
C GLU A 63 26.97 20.34 49.91
N ALA A 64 27.17 20.18 51.21
CA ALA A 64 28.35 19.49 51.72
C ALA A 64 28.18 17.98 51.75
N GLN A 65 27.05 17.48 51.26
CA GLN A 65 26.79 16.04 51.25
C GLN A 65 27.19 15.41 49.91
N VAL A 66 27.26 16.24 48.87
CA VAL A 66 27.63 15.75 47.54
C VAL A 66 28.95 15.01 47.58
N MET A 67 29.78 15.65 48.41
CA MET A 67 31.16 15.36 48.74
C MET A 67 31.36 14.60 50.03
N LYS A 68 30.38 14.61 50.92
CA LYS A 68 30.60 13.87 52.16
C LYS A 68 29.83 12.57 52.18
N LYS A 69 30.60 11.49 52.24
CA LYS A 69 30.11 10.12 52.25
C LYS A 69 29.32 9.84 50.98
N LEU A 70 29.67 10.52 49.89
CA LEU A 70 29.10 10.22 48.62
C LEU A 70 30.35 9.95 47.84
N ARG A 71 31.20 9.17 48.45
CA ARG A 71 32.40 8.79 47.81
C ARG A 71 32.17 7.33 47.52
N HIS A 72 32.04 7.00 46.24
CA HIS A 72 31.82 5.64 45.82
C HIS A 72 32.60 5.38 44.54
N GLU A 73 32.81 4.10 44.27
CA GLU A 73 33.47 3.63 43.05
C GLU A 73 32.83 4.22 41.79
N LYS A 74 31.50 4.23 41.73
CA LYS A 74 30.77 4.62 40.53
C LYS A 74 30.06 5.96 40.68
N LEU A 75 30.51 6.78 41.64
CA LEU A 75 30.15 8.19 41.72
C LEU A 75 31.38 9.03 41.41
N VAL A 76 31.17 10.12 40.66
CA VAL A 76 32.28 10.99 40.27
C VAL A 76 32.81 11.71 41.51
N GLN A 77 34.08 11.45 41.83
CA GLN A 77 34.69 11.97 43.06
C GLN A 77 34.90 13.47 42.97
N LEU A 78 34.13 14.23 43.75
CA LEU A 78 34.28 15.68 43.77
C LEU A 78 35.57 16.01 44.53
N TYR A 79 36.29 17.03 44.06
CA TYR A 79 37.54 17.44 44.68
C TYR A 79 37.39 18.72 45.49
N ALA A 80 36.83 19.76 44.89
CA ALA A 80 36.72 21.07 45.55
C ALA A 80 35.68 21.90 44.81
N VAL A 81 35.27 22.98 45.47
CA VAL A 81 34.31 23.91 44.90
C VAL A 81 34.74 25.33 45.24
N VAL A 82 34.43 26.28 44.34
CA VAL A 82 34.60 27.69 44.67
C VAL A 82 33.24 28.22 45.10
N SER A 83 33.27 29.20 46.01
CA SER A 83 32.07 29.55 46.77
C SER A 83 31.14 30.56 46.09
N GLU A 85 30.20 34.15 43.09
CA GLU A 85 30.27 34.35 41.65
C GLU A 85 29.79 33.11 40.90
N PRO A 86 30.53 32.71 39.87
CA PRO A 86 30.22 31.54 39.04
C PRO A 86 31.12 30.45 39.59
N ILE A 87 30.71 29.38 39.96
CA ILE A 87 31.41 28.18 40.41
C ILE A 87 32.15 27.36 39.35
N TYR A 88 33.14 26.58 39.91
CA TYR A 88 33.94 25.60 39.17
C TYR A 88 34.02 24.28 39.91
N ILE A 89 32.93 23.52 39.89
CA ILE A 89 32.90 22.23 40.56
C ILE A 89 34.09 21.42 40.05
N VAL A 90 35.00 21.08 40.96
CA VAL A 90 36.26 20.44 40.63
C VAL A 90 36.12 18.95 40.90
N THR A 91 36.23 18.13 39.84
CA THR A 91 36.10 16.68 39.96
C THR A 91 37.23 16.01 39.18
N GLU A 92 37.24 14.67 39.19
CA GLU A 92 38.17 13.89 38.39
C GLU A 92 37.90 14.05 36.89
N TYR A 93 38.89 13.67 36.09
CA TYR A 93 38.77 13.69 34.63
C TYR A 93 38.48 12.27 34.12
N MET A 94 37.33 12.09 33.49
CA MET A 94 36.95 10.81 32.90
C MET A 94 37.30 10.84 31.42
N SER A 95 38.06 9.84 30.96
CA SER A 95 38.70 9.90 29.64
C SER A 95 37.67 10.03 28.52
N LYS A 96 36.80 9.01 28.36
CA LYS A 96 35.89 8.85 27.23
C LYS A 96 34.66 9.77 27.29
N GLY A 97 34.57 10.63 28.31
CA GLY A 97 33.49 11.60 28.38
C GLY A 97 32.19 10.98 28.86
N SER A 98 31.09 11.52 28.35
CA SER A 98 29.76 11.04 28.72
C SER A 98 29.45 9.72 28.04
N LEU A 99 28.65 8.90 28.72
CA LEU A 99 28.19 7.64 28.16
C LEU A 99 27.40 7.87 26.86
N LEU A 100 26.68 8.99 26.77
CA LEU A 100 25.84 9.23 25.61
C LEU A 100 26.71 9.38 24.36
N ASP A 101 27.82 10.12 24.48
CA ASP A 101 28.74 10.22 23.36
C ASP A 101 29.45 8.91 23.10
N PHE A 102 29.82 8.19 24.16
CA PHE A 102 30.52 6.92 23.99
C PHE A 102 29.66 5.92 23.25
N LEU A 103 28.34 5.97 23.43
CA LEU A 103 27.47 5.06 22.69
C LEU A 103 27.27 5.54 21.25
N LYS A 104 27.11 6.86 21.05
CA LYS A 104 26.88 7.41 19.72
C LYS A 104 28.13 7.31 18.86
N GLY A 105 29.31 7.42 19.47
CA GLY A 105 30.58 7.46 18.77
C GLY A 105 31.10 6.20 18.09
N GLU A 106 32.41 6.14 17.95
CA GLU A 106 32.97 5.03 17.21
C GLU A 106 32.94 3.75 18.01
N MET A 107 32.96 3.86 19.35
CA MET A 107 32.93 2.67 20.20
C MET A 107 31.61 1.92 20.14
N GLY A 108 30.54 2.55 19.65
CA GLY A 108 29.28 1.85 19.57
C GLY A 108 29.34 0.66 18.63
N LYS A 109 30.17 0.72 17.59
CA LYS A 109 30.15 -0.35 16.59
C LYS A 109 30.52 -1.70 17.21
N TYR A 110 31.35 -1.69 18.25
CA TYR A 110 31.86 -2.92 18.85
C TYR A 110 31.35 -3.19 20.26
N LEU A 111 30.52 -2.31 20.82
CA LEU A 111 29.87 -2.57 22.11
C LEU A 111 28.69 -3.53 21.94
N ARG A 112 28.72 -4.65 22.66
CA ARG A 112 27.64 -5.61 22.61
C ARG A 112 26.89 -5.61 23.94
N LEU A 113 25.91 -6.51 24.06
CA LEU A 113 25.15 -6.61 25.29
C LEU A 113 26.01 -6.91 26.54
N PRO A 114 26.97 -7.85 26.52
CA PRO A 114 27.75 -8.09 27.75
C PRO A 114 28.44 -6.84 28.28
N GLN A 115 28.93 -5.99 27.38
CA GLN A 115 29.47 -4.70 27.76
C GLN A 115 28.37 -3.75 28.23
N LEU A 116 27.24 -3.68 27.50
CA LEU A 116 26.18 -2.76 27.90
C LEU A 116 25.57 -3.13 29.24
N VAL A 117 25.45 -4.44 29.55
CA VAL A 117 24.86 -4.88 30.82
C VAL A 117 25.83 -4.66 31.96
N ASP A 118 27.14 -4.81 31.70
CA ASP A 118 28.13 -4.48 32.72
C ASP A 118 28.07 -2.99 33.09
N MET A 119 28.07 -2.12 32.08
CA MET A 119 27.92 -0.69 32.35
C MET A 119 26.60 -0.39 33.05
N ALA A 120 25.54 -1.16 32.77
CA ALA A 120 24.29 -0.91 33.49
C ALA A 120 24.41 -1.34 34.94
N ALA A 121 25.16 -2.42 35.19
CA ALA A 121 25.35 -2.91 36.54
C ALA A 121 26.14 -1.92 37.38
N GLN A 122 27.17 -1.29 36.78
CA GLN A 122 27.93 -0.27 37.48
C GLN A 122 27.05 0.92 37.85
N ILE A 123 26.23 1.39 36.91
CA ILE A 123 25.34 2.50 37.21
C ILE A 123 24.39 2.13 38.32
N ALA A 124 23.81 0.92 38.25
CA ALA A 124 22.95 0.49 39.36
C ALA A 124 23.73 0.44 40.66
N SER A 125 25.00 0.05 40.62
CA SER A 125 25.79 0.01 41.85
C SER A 125 25.89 1.40 42.48
N GLY A 126 26.29 2.39 41.70
CA GLY A 126 26.41 3.74 42.27
C GLY A 126 25.08 4.30 42.72
N MET A 127 24.00 3.97 42.01
CA MET A 127 22.68 4.40 42.44
C MET A 127 22.19 3.60 43.64
N ALA A 128 22.70 2.40 43.81
CA ALA A 128 22.41 1.63 45.01
C ALA A 128 23.10 2.24 46.21
N TYR A 129 24.23 2.93 46.00
CA TYR A 129 24.90 3.61 47.09
C TYR A 129 24.11 4.84 47.49
N VAL A 130 23.71 5.66 46.51
CA VAL A 130 22.80 6.79 46.72
C VAL A 130 21.52 6.33 47.41
N GLU A 131 21.07 5.10 47.13
CA GLU A 131 19.86 4.59 47.76
C GLU A 131 20.13 4.22 49.22
N ARG A 132 21.23 3.50 49.47
CA ARG A 132 21.56 3.13 50.84
C ARG A 132 21.72 4.36 51.71
N MET A 133 22.27 5.45 51.16
CA MET A 133 22.46 6.71 51.86
C MET A 133 21.19 7.56 51.90
N ASN A 134 20.05 7.03 51.46
CA ASN A 134 18.73 7.70 51.55
C ASN A 134 18.70 9.02 50.80
N TYR A 135 19.50 9.13 49.74
CA TYR A 135 19.64 10.31 48.89
C TYR A 135 18.83 10.13 47.61
N VAL A 136 18.64 11.22 46.85
CA VAL A 136 17.92 11.21 45.58
C VAL A 136 18.74 11.95 44.54
N HIS A 137 18.80 11.40 43.32
CA HIS A 137 19.51 11.99 42.19
C HIS A 137 18.47 12.41 41.16
N ARG A 138 18.04 13.67 41.20
CA ARG A 138 16.82 14.01 40.49
C ARG A 138 16.93 13.86 38.96
N ASP A 139 18.13 13.70 38.37
CA ASP A 139 18.22 13.57 36.92
C ASP A 139 19.25 12.50 36.55
N LEU A 140 18.77 11.32 36.16
CA LEU A 140 19.65 10.23 35.77
C LEU A 140 19.42 9.91 34.30
N ARG A 141 20.45 9.97 33.49
CA ARG A 141 20.40 9.65 32.07
C ARG A 141 21.79 9.34 31.55
N ALA A 142 21.94 9.07 30.27
CA ALA A 142 23.25 8.70 29.72
C ALA A 142 24.17 9.90 29.55
N ALA A 143 23.65 11.13 29.53
CA ALA A 143 24.52 12.31 29.45
C ALA A 143 25.11 12.69 30.82
N ASN A 144 24.49 12.29 31.92
CA ASN A 144 25.03 12.54 33.25
C ASN A 144 25.78 11.34 33.82
N ILE A 145 26.27 10.44 32.96
CA ILE A 145 27.13 9.34 33.36
C ILE A 145 28.39 9.41 32.53
N LEU A 146 29.53 9.37 33.21
CA LEU A 146 30.84 9.52 32.59
C LEU A 146 31.49 8.15 32.45
N VAL A 147 32.28 8.00 31.38
CA VAL A 147 32.92 6.74 31.00
C VAL A 147 34.42 6.98 30.99
N GLY A 148 35.14 6.23 31.80
CA GLY A 148 36.58 6.22 31.74
C GLY A 148 37.10 5.16 30.80
N GLU A 149 38.29 4.66 31.08
CA GLU A 149 38.80 3.53 30.30
C GLU A 149 38.57 2.23 31.06
N ASN A 150 38.65 1.13 30.31
CA ASN A 150 38.19 -0.21 30.71
C ASN A 150 36.73 -0.20 31.16
N LEU A 151 35.88 0.62 30.52
CA LEU A 151 34.42 0.58 30.64
C LEU A 151 33.92 1.04 32.01
N VAL A 152 34.74 1.83 32.71
CA VAL A 152 34.36 2.30 34.04
C VAL A 152 33.35 3.41 33.87
N CYS A 153 32.11 3.17 34.32
CA CYS A 153 31.06 4.19 34.32
C CYS A 153 30.91 4.75 35.72
N LYS A 154 30.71 6.05 35.80
CA LYS A 154 30.48 6.74 37.06
C LYS A 154 29.32 7.71 36.91
N VAL A 155 28.49 7.78 37.93
CA VAL A 155 27.34 8.67 37.91
C VAL A 155 27.81 10.07 38.30
N ALA A 156 27.31 11.08 37.60
CA ALA A 156 27.66 12.47 37.88
C ALA A 156 26.37 13.27 38.03
N ASP A 157 26.52 14.55 38.36
CA ASP A 157 25.40 15.50 38.27
C ASP A 157 24.24 15.08 39.18
N PHE A 158 24.57 14.64 40.37
CA PHE A 158 23.52 14.17 41.24
C PHE A 158 22.77 15.24 41.99
N GLY A 159 23.50 16.15 42.58
CA GLY A 159 22.86 17.16 43.38
C GLY A 159 22.39 18.49 42.87
N LEU A 160 21.49 18.53 41.89
CA LEU A 160 21.00 19.81 41.40
C LEU A 160 19.50 19.95 41.58
N ALA A 161 19.13 20.79 42.52
CA ALA A 161 17.75 21.13 42.78
C ALA A 161 17.73 22.64 42.74
N ARG A 162 16.69 23.26 42.21
CA ARG A 162 16.75 24.73 42.16
C ARG A 162 15.50 25.52 41.72
N PHE A 177 13.33 20.73 30.39
CA PHE A 177 13.96 19.69 31.22
C PHE A 177 13.62 18.29 30.70
N PRO A 178 14.49 17.28 31.00
CA PRO A 178 14.30 15.94 30.42
C PRO A 178 13.05 15.24 30.92
N ILE A 179 11.92 15.58 30.31
CA ILE A 179 10.65 14.91 30.58
C ILE A 179 10.64 13.45 30.12
N LYS A 180 11.44 13.11 29.11
CA LYS A 180 11.42 11.74 28.60
C LYS A 180 12.09 10.78 29.55
N TRP A 181 12.87 11.27 30.53
CA TRP A 181 13.52 10.45 31.55
C TRP A 181 12.84 10.51 32.92
N THR A 182 12.04 11.53 33.19
CA THR A 182 11.47 11.71 34.51
C THR A 182 10.23 10.84 34.70
N ALA A 183 10.12 10.27 35.89
CA ALA A 183 8.96 9.45 36.23
C ALA A 183 7.69 10.30 36.19
N PRO A 184 6.54 9.69 35.90
CA PRO A 184 5.31 10.50 35.81
C PRO A 184 4.90 11.09 37.14
N GLU A 185 5.30 10.45 38.24
CA GLU A 185 4.99 11.00 39.54
C GLU A 185 5.71 12.32 39.77
N ALA A 186 6.90 12.50 39.19
CA ALA A 186 7.74 13.66 39.47
C ALA A 186 7.56 14.79 38.47
N ALA A 187 7.06 14.50 37.26
CA ALA A 187 6.84 15.55 36.28
C ALA A 187 5.53 16.30 36.53
N LEU A 188 4.50 15.61 37.04
CA LEU A 188 3.22 16.29 37.21
C LEU A 188 2.92 16.68 38.65
N TYR A 189 3.42 15.95 39.65
CA TYR A 189 3.17 16.33 41.04
C TYR A 189 4.43 16.57 41.86
N GLY A 190 5.58 16.81 41.21
CA GLY A 190 6.81 17.14 41.93
C GLY A 190 7.27 16.13 42.96
N ARG A 191 6.90 14.85 42.81
CA ARG A 191 7.20 13.83 43.81
C ARG A 191 8.44 13.07 43.33
N PHE A 192 9.61 13.67 43.55
CA PHE A 192 10.90 13.07 43.23
C PHE A 192 11.36 12.19 44.38
N THR A 193 11.52 10.90 44.13
CA THR A 193 12.10 9.99 45.11
C THR A 193 13.08 9.04 44.44
N ILE A 194 13.73 8.18 45.23
CA ILE A 194 14.66 7.22 44.65
C ILE A 194 13.96 6.29 43.68
N LYS A 195 12.68 5.99 43.90
CA LYS A 195 11.94 5.19 42.92
C LYS A 195 11.73 5.97 41.62
N SER A 196 11.73 7.31 41.70
CA SER A 196 11.69 8.13 40.48
C SER A 196 12.95 7.91 39.63
N ASP A 197 14.08 7.64 40.26
CA ASP A 197 15.29 7.41 39.48
C ASP A 197 15.35 5.99 38.96
N VAL A 198 14.68 5.04 39.61
CA VAL A 198 14.49 3.73 39.01
C VAL A 198 13.82 3.89 37.64
N TRP A 199 12.75 4.70 37.58
CA TRP A 199 12.07 4.96 36.31
C TRP A 199 13.07 5.39 35.23
N SER A 200 13.90 6.40 35.53
CA SER A 200 14.84 6.89 34.52
C SER A 200 15.96 5.89 34.27
N PHE A 201 16.32 5.10 35.28
CA PHE A 201 17.26 4.00 35.04
C PHE A 201 16.72 3.08 33.94
N GLY A 202 15.42 2.76 33.99
CA GLY A 202 14.82 1.98 32.91
C GLY A 202 14.90 2.69 31.56
N ILE A 203 14.61 4.00 31.54
CA ILE A 203 14.78 4.76 30.31
C ILE A 203 16.23 4.74 29.86
N LEU A 204 17.15 4.84 30.81
CA LEU A 204 18.58 4.76 30.50
C LEU A 204 18.96 3.38 29.95
N LEU A 205 18.30 2.32 30.42
CA LEU A 205 18.52 1.01 29.84
C LEU A 205 18.22 1.03 28.34
N THR A 206 17.21 1.77 27.92
CA THR A 206 16.95 1.84 26.48
C THR A 206 18.11 2.54 25.76
N GLU A 207 18.71 3.57 26.38
CA GLU A 207 19.83 4.25 25.71
C GLU A 207 20.99 3.29 25.51
N LEU A 208 21.24 2.42 26.49
CA LEU A 208 22.32 1.45 26.32
C LEU A 208 21.98 0.48 25.19
N THR A 209 20.77 -0.08 25.20
CA THR A 209 20.41 -1.08 24.19
C THR A 209 20.05 -0.51 22.81
N THR A 210 20.07 0.83 22.61
CA THR A 210 19.85 1.46 21.31
C THR A 210 21.07 2.25 20.87
N LYS A 211 22.13 2.23 21.68
CA LYS A 211 23.40 2.88 21.35
C LYS A 211 23.26 4.38 21.32
N GLY A 212 22.47 4.93 22.24
CA GLY A 212 22.38 6.36 22.47
C GLY A 212 21.16 7.05 21.89
N ARG A 213 20.25 6.31 21.25
CA ARG A 213 19.14 6.93 20.55
C ARG A 213 18.08 7.45 21.56
N VAL A 214 17.27 8.40 21.10
CA VAL A 214 16.47 9.23 21.99
C VAL A 214 15.15 8.51 22.28
N PRO A 215 14.80 8.31 23.57
CA PRO A 215 13.64 7.48 23.93
C PRO A 215 12.35 8.09 23.41
N TYR A 216 11.30 7.26 23.37
CA TYR A 216 10.07 7.56 22.66
C TYR A 216 10.36 8.19 21.28
N PRO A 217 11.14 7.47 20.42
CA PRO A 217 11.36 7.94 19.05
C PRO A 217 10.07 8.33 18.36
N GLY A 218 10.02 9.57 17.82
CA GLY A 218 8.90 10.08 17.05
C GLY A 218 7.94 10.98 17.79
N MET A 219 8.01 11.01 19.12
CA MET A 219 7.05 11.74 19.94
C MET A 219 7.72 12.99 20.52
N VAL A 220 6.89 13.88 21.05
CA VAL A 220 7.34 15.15 21.61
C VAL A 220 7.10 15.12 23.12
N ASN A 221 7.69 16.11 23.81
CA ASN A 221 7.68 16.13 25.28
C ASN A 221 6.28 16.23 25.87
N ARG A 222 5.29 16.75 25.14
CA ARG A 222 3.96 16.63 25.72
C ARG A 222 3.16 15.48 25.14
N GLU A 223 3.50 15.02 23.93
CA GLU A 223 2.88 13.80 23.42
C GLU A 223 3.27 12.59 24.25
N VAL A 224 4.43 12.66 24.92
CA VAL A 224 4.88 11.57 25.80
C VAL A 224 4.03 11.48 27.08
N LEU A 225 3.64 12.62 27.66
CA LEU A 225 2.91 12.57 28.93
C LEU A 225 1.51 12.03 28.76
N ASP A 226 0.86 12.34 27.64
CA ASP A 226 -0.44 11.74 27.37
C ASP A 226 -0.33 10.23 27.24
N GLN A 227 0.71 9.74 26.54
CA GLN A 227 0.80 8.31 26.30
C GLN A 227 1.23 7.54 27.55
N VAL A 228 2.10 8.11 28.39
CA VAL A 228 2.54 7.35 29.56
C VAL A 228 1.40 7.22 30.57
N GLU A 229 0.58 8.27 30.70
CA GLU A 229 -0.58 8.22 31.59
C GLU A 229 -1.61 7.21 31.08
N ARG A 230 -1.74 7.10 29.77
CA ARG A 230 -2.67 6.16 29.16
C ARG A 230 -2.15 4.74 29.15
N GLY A 231 -0.92 4.50 29.63
CA GLY A 231 -0.37 3.16 29.72
C GLY A 231 0.72 2.82 28.72
N TYR A 232 1.08 3.73 27.80
CA TYR A 232 2.07 3.37 26.79
C TYR A 232 3.46 3.22 27.41
N ARG A 233 4.12 2.10 27.08
CA ARG A 233 5.50 1.85 27.43
C ARG A 233 6.30 1.53 26.18
N MET A 234 7.57 1.90 26.19
CA MET A 234 8.43 1.67 25.03
C MET A 234 8.56 0.16 24.73
N PRO A 235 8.41 -0.23 23.49
CA PRO A 235 8.52 -1.66 23.16
C PRO A 235 9.95 -2.20 23.32
N CYS A 236 10.15 -3.45 22.95
CA CYS A 236 11.45 -4.08 23.19
C CYS A 236 12.40 -3.62 22.08
N PRO A 237 13.56 -3.05 22.42
CA PRO A 237 14.48 -2.63 21.37
C PRO A 237 14.87 -3.81 20.50
N PRO A 238 15.26 -3.56 19.25
CA PRO A 238 15.72 -4.65 18.38
C PRO A 238 16.95 -5.35 18.96
N GLU A 239 16.98 -6.68 18.77
CA GLU A 239 18.02 -7.60 19.24
C GLU A 239 18.14 -7.67 20.75
N CYS A 240 17.24 -7.00 21.50
CA CYS A 240 17.37 -7.03 22.95
C CYS A 240 16.47 -8.10 23.54
N PRO A 241 16.96 -8.95 24.45
CA PRO A 241 16.12 -10.02 24.99
C PRO A 241 14.99 -9.44 25.81
N GLU A 242 13.82 -10.08 25.73
CA GLU A 242 12.70 -9.62 26.54
C GLU A 242 12.97 -9.79 28.03
N SER A 243 14.02 -10.50 28.39
CA SER A 243 14.40 -10.61 29.80
C SER A 243 14.76 -9.21 30.30
N LEU A 244 15.50 -8.46 29.50
CA LEU A 244 15.91 -7.09 29.81
C LEU A 244 14.81 -6.06 29.52
N HIS A 245 13.87 -6.34 28.62
CA HIS A 245 12.72 -5.45 28.48
C HIS A 245 11.77 -5.55 29.67
N ASP A 246 11.62 -6.76 30.23
CA ASP A 246 10.79 -6.89 31.42
C ASP A 246 11.38 -6.10 32.58
N LEU A 247 12.71 -5.99 32.63
CA LEU A 247 13.33 -5.23 33.71
C LEU A 247 13.08 -3.75 33.51
N MET A 248 12.93 -3.33 32.28
CA MET A 248 12.55 -1.95 32.08
C MET A 248 11.13 -1.71 32.59
N CYS A 249 10.19 -2.62 32.26
CA CYS A 249 8.80 -2.41 32.67
C CYS A 249 8.62 -2.50 34.18
N GLN A 250 9.43 -3.29 34.87
CA GLN A 250 9.45 -3.20 36.33
C GLN A 250 9.86 -1.81 36.78
N CYS A 251 10.83 -1.18 36.08
CA CYS A 251 11.21 0.20 36.38
C CYS A 251 10.17 1.21 35.88
N TRP A 252 9.27 0.82 34.99
CA TRP A 252 8.23 1.70 34.46
C TRP A 252 6.85 1.42 35.06
N ARG A 253 6.79 0.73 36.20
CA ARG A 253 5.50 0.45 36.83
C ARG A 253 4.86 1.75 37.30
N LYS A 254 3.52 1.82 37.16
CA LYS A 254 2.78 3.02 37.52
C LYS A 254 2.95 3.38 39.00
N ASP A 255 2.85 2.38 39.89
CA ASP A 255 3.02 2.60 41.33
C ASP A 255 4.49 2.71 41.70
N PRO A 256 4.95 3.85 42.26
CA PRO A 256 6.39 4.00 42.55
C PRO A 256 6.97 2.89 43.42
N GLU A 257 6.35 2.60 44.58
CA GLU A 257 6.92 1.68 45.57
C GLU A 257 6.95 0.22 45.12
N GLU A 258 6.31 -0.12 43.99
CA GLU A 258 6.42 -1.44 43.39
C GLU A 258 7.51 -1.51 42.32
N ARG A 259 8.29 -0.42 42.14
CA ARG A 259 9.44 -0.51 41.27
C ARG A 259 10.62 -1.13 42.02
N PRO A 260 11.48 -1.86 41.32
CA PRO A 260 12.51 -2.64 42.02
C PRO A 260 13.56 -1.75 42.67
N THR A 261 14.15 -2.28 43.73
CA THR A 261 15.29 -1.69 44.40
C THR A 261 16.44 -1.49 43.41
N PHE A 262 17.33 -0.55 43.74
CA PHE A 262 18.60 -0.54 43.03
C PHE A 262 19.51 -1.68 43.49
N GLU A 263 19.33 -2.16 44.73
CA GLU A 263 19.97 -3.39 45.18
C GLU A 263 19.54 -4.56 44.32
N TYR A 264 18.25 -4.65 44.01
CA TYR A 264 17.80 -5.74 43.14
C TYR A 264 18.30 -5.52 41.72
N LEU A 265 18.30 -4.27 41.23
CA LEU A 265 18.73 -4.00 39.86
C LEU A 265 20.21 -4.35 39.71
N GLN A 266 21.01 -3.99 40.71
CA GLN A 266 22.44 -4.31 40.65
C GLN A 266 22.65 -5.82 40.59
N ALA A 267 22.02 -6.58 41.50
CA ALA A 267 22.20 -8.02 41.50
C ALA A 267 21.66 -8.66 40.22
N PHE A 268 20.53 -8.14 39.70
CA PHE A 268 19.95 -8.67 38.48
C PHE A 268 20.89 -8.55 37.30
N LEU A 269 21.52 -7.38 37.14
CA LEU A 269 22.43 -7.18 36.02
C LEU A 269 23.75 -7.95 36.24
N GLU A 270 24.26 -7.99 37.47
CA GLU A 270 25.49 -8.71 37.77
C GLU A 270 25.41 -10.20 37.42
N ASP A 271 24.24 -10.84 37.58
CA ASP A 271 24.08 -12.27 37.37
C ASP A 271 23.47 -12.61 36.00
N TYR A 272 23.32 -11.59 35.14
CA TYR A 272 22.35 -11.65 34.04
C TYR A 272 22.68 -12.78 33.08
N PHE A 273 23.95 -12.95 32.76
CA PHE A 273 24.31 -13.96 31.78
C PHE A 273 24.49 -15.34 32.38
N THR A 274 24.24 -15.49 33.68
CA THR A 274 24.23 -16.82 34.29
C THR A 274 22.85 -17.25 34.77
N SER A 275 22.09 -16.36 35.42
CA SER A 275 20.80 -16.75 35.97
C SER A 275 19.63 -16.46 35.04
N THR A 276 19.78 -15.55 34.08
CA THR A 276 18.67 -15.08 33.26
C THR A 276 18.80 -15.40 31.77
N GLU A 277 19.93 -15.10 31.14
CA GLU A 277 20.14 -15.41 29.72
C GLU A 277 21.44 -16.20 29.58
N PRO A 278 21.45 -17.46 30.04
CA PRO A 278 22.64 -18.29 29.80
C PRO A 278 22.77 -18.73 28.35
N GLN A 279 21.68 -18.69 27.57
CA GLN A 279 21.74 -19.12 26.17
C GLN A 279 22.01 -17.96 25.21
N TYR A 280 22.34 -16.79 25.76
CA TYR A 280 22.62 -15.60 24.97
C TYR A 280 23.79 -15.85 24.03
N GLN A 281 23.58 -15.57 22.75
CA GLN A 281 24.66 -15.64 21.78
C GLN A 281 24.90 -14.27 21.16
N PRO A 282 26.15 -13.83 21.02
CA PRO A 282 26.42 -12.45 20.54
C PRO A 282 25.95 -12.26 19.10
N GLY A 283 25.07 -11.27 18.93
CA GLY A 283 24.54 -10.94 17.63
C GLY A 283 25.37 -9.91 16.90
N GLU A 284 24.76 -9.29 15.88
CA GLU A 284 25.49 -8.31 15.08
C GLU A 284 25.44 -6.91 15.69
N ASN A 285 24.47 -6.64 16.55
CA ASN A 285 24.39 -5.36 17.25
C ASN A 285 24.44 -5.51 18.75
N LEU A 286 23.68 -6.43 19.31
CA LEU A 286 23.73 -6.65 20.74
C LEU A 286 24.39 -7.98 21.03
N PRO B 16 7.10 1.68 -21.60
CA PRO B 16 6.06 1.12 -20.70
C PRO B 16 4.90 2.11 -20.53
N ARG B 17 4.91 3.22 -21.30
CA ARG B 17 3.95 4.32 -21.16
C ARG B 17 3.54 4.88 -22.51
N GLU B 18 2.28 5.28 -22.56
CA GLU B 18 1.58 5.56 -23.80
C GLU B 18 1.57 7.05 -24.08
N SER B 19 0.77 7.75 -23.30
CA SER B 19 0.68 9.16 -23.46
C SER B 19 -0.06 9.89 -22.36
N LEU B 20 0.54 11.04 -22.09
CA LEU B 20 0.12 12.13 -21.25
C LEU B 20 0.71 13.30 -22.00
N ARG B 21 0.16 14.49 -21.79
CA ARG B 21 0.66 15.68 -22.46
C ARG B 21 1.16 16.69 -21.43
N LEU B 22 2.24 17.40 -21.78
CA LEU B 22 2.81 18.39 -20.88
C LEU B 22 2.09 19.72 -20.98
N GLU B 23 1.99 20.43 -19.86
CA GLU B 23 1.28 21.70 -19.79
C GLU B 23 2.22 22.86 -19.50
N VAL B 24 2.92 22.81 -18.37
CA VAL B 24 3.77 23.88 -17.90
C VAL B 24 5.20 23.37 -17.91
N LYS B 25 6.11 24.16 -18.49
CA LYS B 25 7.55 23.85 -18.42
C LYS B 25 8.14 24.43 -17.13
N LEU B 26 8.65 23.56 -16.26
CA LEU B 26 9.17 24.05 -14.99
C LEU B 26 10.62 24.47 -15.06
N GLY B 27 11.37 23.98 -16.05
CA GLY B 27 12.78 24.32 -16.14
C GLY B 27 13.50 23.62 -17.28
N GLN B 28 14.49 24.29 -17.85
CA GLN B 28 15.34 23.74 -18.90
C GLN B 28 16.72 23.44 -18.36
N GLY B 29 17.37 22.43 -18.94
CA GLY B 29 18.67 22.06 -18.44
C GLY B 29 19.68 21.52 -19.43
N CYS B 30 20.71 20.93 -18.84
CA CYS B 30 21.84 20.35 -19.57
C CYS B 30 21.39 19.35 -20.65
N PHE B 31 20.78 18.26 -20.21
CA PHE B 31 20.54 17.08 -21.05
C PHE B 31 19.08 16.94 -21.43
N GLY B 32 18.24 17.92 -21.11
CA GLY B 32 16.83 17.85 -21.44
C GLY B 32 16.07 18.95 -20.73
N GLU B 33 14.78 18.69 -20.54
CA GLU B 33 13.88 19.61 -19.87
C GLU B 33 12.97 18.85 -18.92
N VAL B 34 12.29 19.59 -18.05
CA VAL B 34 11.35 19.02 -17.09
C VAL B 34 10.04 19.80 -17.18
N TRP B 35 8.93 19.07 -17.22
CA TRP B 35 7.59 19.63 -17.42
C TRP B 35 6.64 19.18 -16.31
N MET B 36 5.64 20.01 -16.03
CA MET B 36 4.49 19.62 -15.23
C MET B 36 3.31 19.34 -16.14
N GLY B 37 2.65 18.20 -15.95
CA GLY B 37 1.60 17.83 -16.88
C GLY B 37 0.46 17.05 -16.23
N THR B 38 -0.26 16.28 -17.04
CA THR B 38 -1.40 15.50 -16.58
C THR B 38 -1.38 14.13 -17.24
N TRP B 39 -1.48 13.08 -16.43
CA TRP B 39 -1.47 11.70 -16.89
C TRP B 39 -2.82 11.08 -16.57
N ASN B 40 -3.37 10.30 -17.51
CA ASN B 40 -4.70 9.71 -17.40
C ASN B 40 -5.81 10.76 -17.34
N GLY B 41 -5.48 12.04 -17.58
CA GLY B 41 -6.40 13.15 -17.42
C GLY B 41 -6.88 13.42 -15.99
N THR B 42 -6.33 12.72 -15.00
CA THR B 42 -6.83 12.70 -13.62
C THR B 42 -5.76 13.07 -12.59
N THR B 43 -4.54 12.62 -12.83
CA THR B 43 -3.44 12.74 -11.89
C THR B 43 -2.46 13.82 -12.38
N ARG B 44 -2.19 14.81 -11.54
CA ARG B 44 -1.14 15.78 -11.79
C ARG B 44 0.22 15.11 -11.69
N VAL B 45 1.08 15.31 -12.70
CA VAL B 45 2.33 14.57 -12.84
C VAL B 45 3.42 15.50 -13.35
N ALA B 46 4.67 15.15 -13.06
CA ALA B 46 5.85 15.86 -13.56
C ALA B 46 6.60 14.96 -14.53
N ILE B 47 6.97 15.51 -15.69
CA ILE B 47 7.58 14.74 -16.75
C ILE B 47 8.96 15.32 -17.02
N LYS B 48 10.00 14.51 -16.82
CA LYS B 48 11.38 14.89 -17.13
C LYS B 48 11.70 14.38 -18.52
N THR B 49 11.91 15.32 -19.46
CA THR B 49 12.30 14.91 -20.80
C THR B 49 13.82 14.79 -20.86
N LEU B 50 14.29 14.05 -21.87
CA LEU B 50 15.72 13.79 -22.03
C LEU B 50 16.00 13.73 -23.53
N LYS B 51 16.62 14.78 -24.05
CA LYS B 51 16.68 14.97 -25.48
C LYS B 51 17.74 14.04 -26.10
N PRO B 52 17.63 13.74 -27.42
CA PRO B 52 18.37 12.61 -28.03
C PRO B 52 19.87 12.52 -27.79
N GLY B 53 20.50 13.51 -27.15
CA GLY B 53 21.95 13.48 -27.03
C GLY B 53 22.46 12.28 -26.27
N THR B 54 21.79 11.93 -25.18
CA THR B 54 22.22 10.79 -24.40
C THR B 54 21.25 9.63 -24.50
N MET B 55 21.25 8.81 -23.46
CA MET B 55 20.18 7.86 -23.27
C MET B 55 20.16 6.78 -24.34
N SER B 56 21.31 6.18 -24.58
CA SER B 56 21.36 4.94 -25.33
C SER B 56 20.22 4.06 -24.83
N PRO B 57 19.13 3.96 -25.60
CA PRO B 57 17.91 3.39 -25.02
C PRO B 57 18.05 1.92 -24.74
N GLU B 58 18.87 1.22 -25.54
CA GLU B 58 19.15 -0.20 -25.35
C GLU B 58 19.44 -0.51 -23.88
N ALA B 59 20.45 0.14 -23.31
CA ALA B 59 20.84 -0.01 -21.91
C ALA B 59 20.30 1.13 -21.03
N PHE B 60 19.12 1.65 -21.38
CA PHE B 60 18.37 2.54 -20.50
C PHE B 60 17.26 1.79 -19.77
N LEU B 61 16.34 1.15 -20.52
CA LEU B 61 15.28 0.33 -19.92
C LEU B 61 15.82 -0.83 -19.07
N GLN B 62 17.14 -1.07 -19.12
CA GLN B 62 17.76 -1.92 -18.11
C GLN B 62 17.80 -1.21 -16.76
N GLU B 63 17.58 0.10 -16.74
CA GLU B 63 17.35 0.82 -15.49
C GLU B 63 15.96 0.52 -14.96
N ALA B 64 15.53 -0.74 -14.97
CA ALA B 64 14.34 -1.08 -14.21
C ALA B 64 14.58 -1.01 -12.72
N GLN B 65 15.84 -0.87 -12.30
CA GLN B 65 16.08 -0.83 -10.88
C GLN B 65 15.54 0.48 -10.27
N VAL B 66 15.43 1.53 -11.09
CA VAL B 66 14.78 2.77 -10.65
C VAL B 66 13.46 2.49 -9.94
N MET B 67 12.69 1.49 -10.42
CA MET B 67 11.46 1.01 -9.75
C MET B 67 11.61 -0.38 -9.15
N LYS B 68 12.81 -0.93 -9.30
CA LYS B 68 13.20 -2.21 -8.75
C LYS B 68 13.25 -1.83 -7.32
N LYS B 69 12.08 -1.84 -6.71
CA LYS B 69 11.89 -1.38 -5.35
C LYS B 69 12.41 0.04 -5.39
N LEU B 70 13.47 0.34 -4.64
CA LEU B 70 14.08 1.67 -4.52
C LEU B 70 12.95 2.60 -4.34
N ARG B 71 11.97 2.13 -3.61
CA ARG B 71 10.75 2.85 -3.50
C ARG B 71 10.86 3.29 -2.12
N HIS B 72 10.90 4.57 -1.93
CA HIS B 72 11.08 5.01 -0.57
C HIS B 72 10.32 6.31 -0.36
N GLU B 73 10.02 6.58 0.92
CA GLU B 73 9.30 7.78 1.30
C GLU B 73 10.08 9.03 0.92
N LYS B 74 11.41 8.93 0.83
CA LYS B 74 12.30 10.05 0.58
C LYS B 74 13.07 9.89 -0.72
N LEU B 75 12.61 9.02 -1.62
CA LEU B 75 13.02 8.98 -3.01
C LEU B 75 11.83 9.31 -3.90
N VAL B 76 12.07 10.10 -4.95
CA VAL B 76 10.99 10.48 -5.88
C VAL B 76 10.49 9.24 -6.59
N GLN B 77 9.16 9.03 -6.52
CA GLN B 77 8.54 7.80 -6.98
C GLN B 77 8.42 7.82 -8.49
N LEU B 78 9.09 6.88 -9.14
CA LEU B 78 8.91 6.67 -10.57
C LEU B 78 7.50 6.15 -10.85
N TYR B 79 6.90 6.63 -11.93
CA TYR B 79 5.60 6.14 -12.39
C TYR B 79 5.73 5.30 -13.66
N ALA B 80 6.34 5.85 -14.70
CA ALA B 80 6.55 5.11 -15.93
C ALA B 80 7.59 5.83 -16.79
N VAL B 81 8.00 5.14 -17.84
CA VAL B 81 9.02 5.62 -18.77
C VAL B 81 8.48 5.44 -20.17
N VAL B 82 8.96 6.27 -21.10
CA VAL B 82 8.50 6.20 -22.48
C VAL B 82 9.62 6.02 -23.49
N SER B 83 9.66 4.92 -24.22
CA SER B 83 10.65 4.81 -25.32
C SER B 83 12.12 5.09 -25.00
N GLU B 84 12.81 6.01 -25.69
CA GLU B 84 14.22 6.08 -25.28
C GLU B 84 15.18 7.14 -25.87
N GLU B 85 14.61 7.81 -26.88
CA GLU B 85 15.18 8.92 -27.62
C GLU B 85 14.63 10.15 -26.87
N PRO B 86 13.38 10.60 -27.15
CA PRO B 86 12.98 11.71 -26.31
C PRO B 86 12.63 11.04 -25.01
N ILE B 87 13.57 10.42 -24.29
CA ILE B 87 13.09 9.81 -23.11
C ILE B 87 12.32 10.74 -22.21
N TYR B 88 11.19 10.22 -21.77
CA TYR B 88 10.29 10.87 -20.83
C TYR B 88 10.27 10.04 -19.56
N ILE B 89 10.58 10.66 -18.42
CA ILE B 89 10.58 9.99 -17.13
C ILE B 89 9.42 10.55 -16.32
N VAL B 90 8.46 9.70 -16.00
CA VAL B 90 7.22 10.10 -15.35
C VAL B 90 7.35 9.87 -13.85
N THR B 91 7.28 10.94 -13.06
CA THR B 91 7.41 10.84 -11.60
C THR B 91 6.35 11.72 -10.93
N GLU B 92 6.28 11.66 -9.61
CA GLU B 92 5.37 12.53 -8.86
C GLU B 92 5.76 14.01 -9.04
N TYR B 93 4.81 14.88 -8.72
CA TYR B 93 5.03 16.32 -8.76
C TYR B 93 5.29 16.82 -7.34
N MET B 94 6.49 17.34 -7.11
CA MET B 94 6.84 18.02 -5.87
C MET B 94 6.59 19.51 -6.05
N SER B 95 5.81 20.09 -5.12
CA SER B 95 5.27 21.44 -5.32
C SER B 95 6.36 22.50 -5.29
N LYS B 96 7.13 22.56 -4.19
CA LYS B 96 8.09 23.63 -3.94
C LYS B 96 9.33 23.56 -4.85
N GLY B 97 9.43 22.55 -5.69
CA GLY B 97 10.57 22.42 -6.57
C GLY B 97 11.82 21.89 -5.87
N SER B 98 12.97 22.26 -6.43
CA SER B 98 14.24 21.79 -5.91
C SER B 98 14.60 22.50 -4.63
N LEU B 99 15.32 21.79 -3.76
CA LEU B 99 15.67 22.34 -2.46
C LEU B 99 16.53 23.59 -2.60
N LEU B 100 17.31 23.71 -3.69
CA LEU B 100 18.16 24.90 -3.84
C LEU B 100 17.32 26.13 -4.08
N ASP B 101 16.33 26.01 -4.96
CA ASP B 101 15.42 27.13 -5.16
C ASP B 101 14.66 27.43 -3.87
N PHE B 102 14.19 26.39 -3.21
CA PHE B 102 13.45 26.58 -1.98
C PHE B 102 14.26 27.38 -0.95
N LEU B 103 15.58 27.12 -0.88
CA LEU B 103 16.43 27.85 0.07
C LEU B 103 16.73 29.28 -0.42
N LYS B 104 17.04 29.42 -1.71
CA LYS B 104 17.32 30.73 -2.30
C LYS B 104 16.08 31.58 -2.43
N GLY B 105 14.89 30.96 -2.37
CA GLY B 105 13.62 31.63 -2.59
C GLY B 105 13.07 32.35 -1.36
N GLU B 106 11.79 32.69 -1.43
CA GLU B 106 11.23 33.53 -0.38
C GLU B 106 11.20 32.81 0.96
N MET B 107 11.19 31.47 0.93
CA MET B 107 11.11 30.64 2.14
C MET B 107 12.37 30.70 2.98
N GLY B 108 13.50 31.06 2.38
CA GLY B 108 14.74 31.09 3.14
C GLY B 108 14.74 32.04 4.31
N LYS B 109 13.99 33.15 4.22
CA LYS B 109 14.03 34.17 5.28
C LYS B 109 13.64 33.56 6.60
N TYR B 110 12.69 32.63 6.51
CA TYR B 110 12.10 32.02 7.68
C TYR B 110 12.60 30.68 8.13
N LEU B 111 13.25 29.93 7.28
CA LEU B 111 13.77 28.63 7.69
C LEU B 111 14.87 28.81 8.73
N ARG B 112 14.80 27.99 9.76
CA ARG B 112 15.80 27.98 10.82
C ARG B 112 16.44 26.59 10.92
N LEU B 113 17.49 26.49 11.75
CA LEU B 113 18.18 25.22 11.92
C LEU B 113 17.25 24.04 12.20
N PRO B 114 16.21 24.14 13.06
CA PRO B 114 15.33 22.97 13.23
C PRO B 114 14.69 22.50 11.93
N GLN B 115 14.23 23.42 11.09
CA GLN B 115 13.75 23.03 9.77
C GLN B 115 14.88 22.45 8.92
N LEU B 116 16.02 23.15 8.86
CA LEU B 116 17.13 22.68 8.03
C LEU B 116 17.62 21.29 8.44
N VAL B 117 17.73 21.02 9.76
CA VAL B 117 18.25 19.73 10.24
C VAL B 117 17.24 18.62 9.99
N ASP B 118 15.95 18.95 10.11
CA ASP B 118 14.90 18.01 9.72
C ASP B 118 15.02 17.65 8.25
N MET B 119 15.22 18.65 7.38
CA MET B 119 15.32 18.38 5.94
C MET B 119 16.60 17.61 5.61
N ALA B 120 17.67 17.87 6.37
CA ALA B 120 18.88 17.05 6.24
C ALA B 120 18.63 15.62 6.71
N ALA B 121 17.80 15.45 7.75
CA ALA B 121 17.51 14.10 8.22
C ALA B 121 16.75 13.30 7.17
N GLN B 122 15.82 13.94 6.46
CA GLN B 122 15.01 13.19 5.49
C GLN B 122 15.86 12.77 4.30
N ILE B 123 16.82 13.62 3.92
CA ILE B 123 17.73 13.25 2.86
C ILE B 123 18.62 12.10 3.31
N ALA B 124 19.16 12.18 4.53
CA ALA B 124 20.03 11.10 4.99
C ALA B 124 19.28 9.78 5.05
N SER B 125 18.00 9.81 5.40
CA SER B 125 17.24 8.57 5.49
C SER B 125 17.00 8.01 4.10
N GLY B 126 16.67 8.88 3.14
CA GLY B 126 16.55 8.40 1.78
C GLY B 126 17.84 7.75 1.29
N MET B 127 18.97 8.40 1.60
CA MET B 127 20.28 7.91 1.17
C MET B 127 20.68 6.68 1.97
N ALA B 128 20.22 6.59 3.22
CA ALA B 128 20.41 5.39 4.02
C ALA B 128 19.71 4.19 3.39
N TYR B 129 18.61 4.42 2.68
CA TYR B 129 17.98 3.35 1.91
C TYR B 129 18.89 2.92 0.76
N VAL B 130 19.25 3.86 -0.11
CA VAL B 130 20.17 3.57 -1.22
C VAL B 130 21.39 2.79 -0.73
N GLU B 131 21.84 3.07 0.50
CA GLU B 131 22.96 2.36 1.09
C GLU B 131 22.58 0.94 1.48
N ARG B 132 21.41 0.77 2.10
CA ARG B 132 20.97 -0.56 2.48
C ARG B 132 20.84 -1.44 1.25
N MET B 133 20.28 -0.90 0.18
CA MET B 133 20.18 -1.62 -1.09
C MET B 133 21.51 -1.73 -1.82
N ASN B 134 22.61 -1.33 -1.15
CA ASN B 134 23.96 -1.35 -1.71
C ASN B 134 24.05 -0.70 -3.09
N TYR B 135 23.32 0.40 -3.27
CA TYR B 135 23.32 1.14 -4.52
C TYR B 135 24.04 2.47 -4.32
N VAL B 136 24.28 3.16 -5.44
CA VAL B 136 25.09 4.37 -5.47
C VAL B 136 24.33 5.46 -6.19
N HIS B 137 24.41 6.67 -5.65
CA HIS B 137 23.81 7.86 -6.27
C HIS B 137 24.97 8.78 -6.64
N ARG B 138 25.31 8.83 -7.92
CA ARG B 138 26.57 9.47 -8.30
C ARG B 138 26.58 10.97 -8.04
N ASP B 139 25.42 11.60 -7.95
CA ASP B 139 25.35 13.05 -7.81
C ASP B 139 24.29 13.42 -6.79
N LEU B 140 24.72 13.82 -5.60
CA LEU B 140 23.84 14.32 -4.55
C LEU B 140 24.15 15.79 -4.29
N ARG B 141 23.18 16.65 -4.60
CA ARG B 141 23.29 18.09 -4.39
C ARG B 141 21.94 18.62 -3.95
N ALA B 142 21.89 19.93 -3.68
CA ALA B 142 20.61 20.57 -3.37
C ALA B 142 19.74 20.76 -4.59
N ALA B 143 20.31 20.68 -5.79
CA ALA B 143 19.50 20.79 -7.02
C ALA B 143 18.85 19.48 -7.41
N ASN B 144 19.38 18.35 -6.92
CA ASN B 144 18.81 17.04 -7.17
C ASN B 144 17.96 16.57 -6.02
N ILE B 145 17.41 17.50 -5.25
CA ILE B 145 16.55 17.18 -4.12
C ILE B 145 15.30 18.03 -4.23
N LEU B 146 14.14 17.38 -4.15
CA LEU B 146 12.87 18.03 -4.41
C LEU B 146 12.10 18.24 -3.12
N VAL B 147 11.50 19.42 -2.96
CA VAL B 147 10.80 19.80 -1.75
C VAL B 147 9.30 19.85 -2.05
N GLY B 148 8.53 19.16 -1.22
CA GLY B 148 7.09 19.22 -1.29
C GLY B 148 6.52 20.12 -0.20
N GLU B 149 5.25 19.94 0.07
CA GLU B 149 4.65 20.71 1.15
C GLU B 149 4.89 19.99 2.48
N ASN B 150 4.73 20.74 3.57
CA ASN B 150 5.13 20.30 4.89
C ASN B 150 6.62 19.95 4.94
N LEU B 151 7.45 20.65 4.17
CA LEU B 151 8.91 20.49 4.18
C LEU B 151 9.32 19.03 3.92
N VAL B 152 8.54 18.36 3.08
CA VAL B 152 8.89 17.00 2.65
C VAL B 152 9.97 17.12 1.59
N CYS B 153 11.14 16.53 1.87
CA CYS B 153 12.23 16.43 0.91
C CYS B 153 12.36 15.00 0.42
N LYS B 154 12.68 14.86 -0.87
CA LYS B 154 12.90 13.57 -1.50
C LYS B 154 14.08 13.67 -2.46
N VAL B 155 14.85 12.60 -2.56
CA VAL B 155 16.05 12.61 -3.38
C VAL B 155 15.68 12.21 -4.80
N ALA B 156 16.38 12.79 -5.78
CA ALA B 156 16.01 12.62 -7.18
C ALA B 156 17.25 12.36 -8.02
N ASP B 157 17.01 11.95 -9.25
CA ASP B 157 18.03 11.72 -10.27
C ASP B 157 19.21 10.93 -9.76
N PHE B 158 18.89 9.84 -9.05
CA PHE B 158 19.92 8.90 -8.61
C PHE B 158 20.49 8.07 -9.74
N GLY B 159 19.83 8.02 -10.89
CA GLY B 159 20.35 7.25 -12.02
C GLY B 159 20.74 8.13 -13.20
N LEU B 160 22.04 8.36 -13.36
CA LEU B 160 22.56 9.10 -14.51
C LEU B 160 23.97 8.59 -14.77
N ALA B 161 24.09 7.69 -15.75
CA ALA B 161 25.39 7.15 -16.13
C ALA B 161 25.41 7.00 -17.65
N PHE B 177 30.29 17.16 -13.79
CA PHE B 177 30.53 18.61 -13.78
C PHE B 177 30.55 19.31 -12.40
N PRO B 178 29.72 18.86 -11.41
CA PRO B 178 29.81 19.51 -10.07
C PRO B 178 30.88 18.88 -9.17
N ILE B 179 32.14 19.27 -9.41
CA ILE B 179 33.26 18.73 -8.66
C ILE B 179 33.39 19.35 -7.27
N LYS B 180 32.82 20.54 -7.05
CA LYS B 180 32.72 21.08 -5.69
C LYS B 180 31.96 20.14 -4.75
N TRP B 181 31.08 19.29 -5.27
CA TRP B 181 30.29 18.35 -4.48
C TRP B 181 30.83 16.93 -4.47
N THR B 182 31.69 16.55 -5.41
CA THR B 182 32.10 15.16 -5.57
C THR B 182 33.34 14.88 -4.73
N ALA B 183 33.39 13.66 -4.16
CA ALA B 183 34.48 13.25 -3.29
C ALA B 183 35.79 13.23 -4.08
N PRO B 184 36.92 13.52 -3.41
CA PRO B 184 38.18 13.62 -4.18
C PRO B 184 38.60 12.32 -4.83
N GLU B 185 38.35 11.17 -4.19
CA GLU B 185 38.72 9.92 -4.86
C GLU B 185 37.87 9.68 -6.11
N ALA B 186 36.65 10.20 -6.15
CA ALA B 186 35.75 9.94 -7.27
C ALA B 186 35.99 10.88 -8.45
N ALA B 187 36.58 12.05 -8.20
CA ALA B 187 36.83 12.98 -9.27
C ALA B 187 38.11 12.65 -10.01
N LEU B 188 39.16 12.28 -9.28
CA LEU B 188 40.45 11.99 -9.88
C LEU B 188 40.68 10.52 -10.26
N TYR B 189 40.10 9.60 -9.50
CA TYR B 189 40.28 8.19 -9.77
C TYR B 189 39.01 7.48 -10.21
N GLY B 190 37.88 8.18 -10.30
CA GLY B 190 36.65 7.55 -10.78
C GLY B 190 36.06 6.44 -9.92
N ARG B 191 36.47 6.32 -8.65
CA ARG B 191 35.90 5.30 -7.74
C ARG B 191 34.74 5.94 -6.97
N PHE B 192 33.54 5.85 -7.56
CA PHE B 192 32.31 6.34 -6.97
C PHE B 192 31.72 5.26 -6.05
N THR B 193 31.58 5.57 -4.78
CA THR B 193 30.97 4.66 -3.85
C THR B 193 29.98 5.44 -2.99
N ILE B 194 29.24 4.76 -2.12
CA ILE B 194 28.25 5.52 -1.35
C ILE B 194 28.91 6.31 -0.20
N LYS B 195 30.15 5.97 0.16
CA LYS B 195 30.96 6.91 0.94
C LYS B 195 31.33 8.19 0.17
N SER B 196 31.40 8.13 -1.17
CA SER B 196 31.52 9.37 -1.93
C SER B 196 30.21 10.15 -1.94
N ASP B 197 29.07 9.48 -1.70
CA ASP B 197 27.82 10.19 -1.48
C ASP B 197 27.74 10.80 -0.09
N VAL B 198 28.52 10.31 0.86
CA VAL B 198 28.57 10.92 2.18
C VAL B 198 29.32 12.24 2.08
N TRP B 199 30.44 12.25 1.34
CA TRP B 199 31.14 13.51 1.04
C TRP B 199 30.18 14.57 0.46
N SER B 200 29.43 14.19 -0.57
CA SER B 200 28.43 15.09 -1.17
C SER B 200 27.39 15.55 -0.14
N PHE B 201 27.03 14.67 0.78
CA PHE B 201 26.07 15.02 1.81
C PHE B 201 26.63 16.09 2.74
N GLY B 202 27.93 16.04 3.06
CA GLY B 202 28.51 17.12 3.84
C GLY B 202 28.52 18.43 3.07
N ILE B 203 28.83 18.37 1.78
CA ILE B 203 28.78 19.59 1.00
C ILE B 203 27.34 20.08 0.94
N LEU B 204 26.37 19.16 1.01
CA LEU B 204 24.96 19.54 0.97
C LEU B 204 24.51 20.17 2.27
N LEU B 205 25.14 19.79 3.37
CA LEU B 205 24.80 20.41 4.64
C LEU B 205 25.19 21.88 4.63
N THR B 206 26.27 22.22 3.91
CA THR B 206 26.63 23.63 3.84
C THR B 206 25.60 24.41 3.05
N GLU B 207 25.05 23.81 2.00
CA GLU B 207 23.95 24.47 1.27
C GLU B 207 22.75 24.73 2.18
N LEU B 208 22.48 23.82 3.14
CA LEU B 208 21.35 24.08 4.03
C LEU B 208 21.70 25.13 5.07
N THR B 209 22.95 25.15 5.55
CA THR B 209 23.34 26.06 6.62
C THR B 209 23.71 27.45 6.10
N THR B 210 23.84 27.60 4.78
CA THR B 210 24.04 28.87 4.10
C THR B 210 22.86 29.21 3.20
N LYS B 211 21.80 28.39 3.28
CA LYS B 211 20.57 28.67 2.54
C LYS B 211 20.86 28.90 1.05
N GLY B 212 21.64 27.98 0.48
CA GLY B 212 21.73 27.81 -0.95
C GLY B 212 22.99 28.34 -1.56
N ARG B 213 23.92 28.87 -0.75
CA ARG B 213 25.10 29.49 -1.32
C ARG B 213 26.01 28.42 -1.91
N VAL B 214 26.96 28.84 -2.72
CA VAL B 214 27.72 27.90 -3.54
C VAL B 214 29.00 27.56 -2.82
N PRO B 215 29.31 26.26 -2.64
CA PRO B 215 30.52 25.84 -1.90
C PRO B 215 31.84 26.45 -2.36
N TYR B 216 32.80 26.44 -1.45
CA TYR B 216 34.09 27.08 -1.61
C TYR B 216 33.97 28.51 -2.15
N PRO B 217 33.07 29.33 -1.54
CA PRO B 217 32.97 30.74 -1.95
C PRO B 217 34.31 31.36 -2.29
N GLY B 218 34.45 31.84 -3.54
CA GLY B 218 35.64 32.52 -4.02
C GLY B 218 36.58 31.68 -4.88
N MET B 219 36.45 30.35 -4.84
CA MET B 219 37.32 29.46 -5.58
C MET B 219 36.60 28.94 -6.83
N VAL B 220 37.39 28.45 -7.78
CA VAL B 220 36.81 27.82 -8.97
C VAL B 220 37.23 26.35 -8.96
N ASN B 221 36.76 25.58 -9.94
CA ASN B 221 36.70 24.13 -9.79
C ASN B 221 38.07 23.46 -9.81
N ARG B 222 39.12 24.08 -10.34
CA ARG B 222 40.42 23.44 -10.20
C ARG B 222 41.22 23.96 -9.02
N GLU B 223 40.93 25.15 -8.50
CA GLU B 223 41.66 25.56 -7.31
C GLU B 223 41.12 24.86 -6.07
N VAL B 224 39.89 24.35 -6.14
CA VAL B 224 39.36 23.61 -5.00
C VAL B 224 39.99 22.22 -4.91
N LEU B 225 40.18 21.59 -6.08
CA LEU B 225 40.82 20.30 -6.13
C LEU B 225 42.23 20.45 -5.55
N ASP B 226 42.89 21.56 -5.89
CA ASP B 226 44.22 21.84 -5.38
C ASP B 226 44.23 21.77 -3.86
N GLN B 227 43.53 22.68 -3.23
CA GLN B 227 43.52 22.78 -1.78
C GLN B 227 42.84 21.64 -1.02
N VAL B 228 41.81 21.07 -1.56
CA VAL B 228 41.21 19.94 -0.85
C VAL B 228 42.24 18.82 -0.64
N GLU B 229 43.20 18.75 -1.53
CA GLU B 229 44.25 17.77 -1.41
C GLU B 229 45.22 18.25 -0.38
N ARG B 230 45.50 19.54 -0.34
CA ARG B 230 46.46 19.97 0.63
C ARG B 230 45.85 20.00 2.03
N GLY B 231 44.56 19.66 2.14
CA GLY B 231 43.89 19.55 3.42
C GLY B 231 42.84 20.61 3.71
N TYR B 232 42.53 21.48 2.76
CA TYR B 232 41.54 22.51 3.00
C TYR B 232 40.14 21.91 3.08
N ARG B 233 39.39 22.35 4.09
CA ARG B 233 38.00 21.95 4.32
C ARG B 233 37.26 23.26 4.59
N MET B 234 36.01 23.36 4.17
CA MET B 234 35.26 24.60 4.37
C MET B 234 35.05 24.88 5.85
N PRO B 235 35.28 26.09 6.27
CA PRO B 235 35.11 26.41 7.69
C PRO B 235 33.65 26.36 8.14
N CYS B 236 33.43 26.71 9.40
CA CYS B 236 32.10 26.62 9.98
C CYS B 236 31.22 27.76 9.44
N PRO B 237 30.06 27.47 8.85
CA PRO B 237 29.21 28.56 8.37
C PRO B 237 28.81 29.49 9.51
N PRO B 238 28.54 30.76 9.22
CA PRO B 238 28.11 31.69 10.27
C PRO B 238 26.81 31.24 10.93
N GLU B 239 26.76 31.40 12.26
CA GLU B 239 25.67 31.01 13.17
C GLU B 239 25.45 29.51 13.25
N CYS B 240 26.27 28.67 12.57
CA CYS B 240 26.00 27.23 12.62
C CYS B 240 26.81 26.57 13.74
N PRO B 241 26.20 25.72 14.57
CA PRO B 241 26.94 25.15 15.72
C PRO B 241 28.09 24.27 15.25
N GLU B 242 29.23 24.35 15.98
CA GLU B 242 30.38 23.54 15.59
C GLU B 242 30.07 22.04 15.64
N SER B 243 29.07 21.64 16.42
CA SER B 243 28.66 20.22 16.39
C SER B 243 28.22 19.80 15.00
N LEU B 244 27.59 20.73 14.25
CA LEU B 244 27.14 20.39 12.89
C LEU B 244 28.28 20.53 11.88
N HIS B 245 29.27 21.37 12.17
CA HIS B 245 30.46 21.43 11.30
C HIS B 245 31.36 20.22 11.51
N ASP B 246 31.41 19.66 12.73
CA ASP B 246 32.15 18.41 12.96
C ASP B 246 31.52 17.24 12.20
N LEU B 247 30.20 17.32 11.92
CA LEU B 247 29.55 16.30 11.12
C LEU B 247 29.90 16.45 9.65
N MET B 248 30.18 17.67 9.23
CA MET B 248 30.59 17.87 7.85
C MET B 248 32.01 17.39 7.65
N CYS B 249 32.91 17.67 8.60
CA CYS B 249 34.27 17.20 8.43
C CYS B 249 34.35 15.68 8.45
N GLN B 250 33.52 15.01 9.27
CA GLN B 250 33.48 13.54 9.23
C GLN B 250 33.07 13.03 7.85
N CYS B 251 32.28 13.83 7.15
CA CYS B 251 31.85 13.51 5.80
C CYS B 251 32.96 13.89 4.81
N TRP B 252 33.90 14.73 5.26
CA TRP B 252 35.01 15.17 4.41
C TRP B 252 36.34 14.53 4.84
N ARG B 253 36.31 13.36 5.45
CA ARG B 253 37.55 12.68 5.81
C ARG B 253 38.26 12.22 4.54
N LYS B 254 39.60 12.29 4.57
CA LYS B 254 40.41 11.85 3.43
C LYS B 254 40.20 10.37 3.09
N ASP B 255 40.08 9.51 4.12
CA ASP B 255 39.88 8.07 3.88
C ASP B 255 38.39 7.77 3.71
N PRO B 256 37.97 7.19 2.57
CA PRO B 256 36.52 6.97 2.37
C PRO B 256 35.86 6.11 3.45
N GLU B 257 36.48 4.98 3.82
CA GLU B 257 35.79 4.01 4.68
C GLU B 257 35.67 4.46 6.13
N GLU B 258 36.32 5.58 6.48
CA GLU B 258 36.17 6.22 7.78
C GLU B 258 35.17 7.37 7.73
N ARG B 259 34.43 7.50 6.64
CA ARG B 259 33.32 8.44 6.64
C ARG B 259 32.08 7.74 7.15
N PRO B 260 31.23 8.45 7.92
CA PRO B 260 30.14 7.79 8.63
C PRO B 260 29.08 7.25 7.70
N THR B 261 28.42 6.18 8.16
CA THR B 261 27.29 5.59 7.47
C THR B 261 26.15 6.60 7.36
N PHE B 262 25.30 6.42 6.34
CA PHE B 262 24.05 7.18 6.29
C PHE B 262 23.08 6.76 7.38
N GLU B 263 23.25 5.56 7.97
CA GLU B 263 22.42 5.22 9.13
C GLU B 263 22.88 6.00 10.34
N TYR B 264 24.19 6.20 10.48
CA TYR B 264 24.69 7.06 11.55
C TYR B 264 24.29 8.52 11.30
N LEU B 265 24.31 8.97 10.04
CA LEU B 265 23.87 10.34 9.74
C LEU B 265 22.39 10.52 10.03
N GLN B 266 21.57 9.49 9.78
CA GLN B 266 20.14 9.62 10.00
C GLN B 266 19.83 9.71 11.49
N ALA B 267 20.46 8.85 12.30
CA ALA B 267 20.22 8.88 13.73
C ALA B 267 20.75 10.14 14.38
N PHE B 268 21.84 10.69 13.83
CA PHE B 268 22.48 11.84 14.42
C PHE B 268 21.66 13.08 14.19
N LEU B 269 20.97 13.12 13.05
CA LEU B 269 20.21 14.30 12.75
C LEU B 269 18.85 14.26 13.41
N GLU B 270 18.22 13.08 13.40
CA GLU B 270 16.97 12.82 14.14
C GLU B 270 17.08 13.09 15.64
N ASP B 271 18.27 13.02 16.23
CA ASP B 271 18.41 13.21 17.66
C ASP B 271 19.08 14.54 17.98
N TYR B 272 19.20 15.42 16.99
CA TYR B 272 20.21 16.47 17.04
C TYR B 272 19.93 17.41 18.19
N PHE B 273 18.67 17.87 18.31
CA PHE B 273 18.30 18.92 19.26
C PHE B 273 18.01 18.38 20.66
N THR B 274 18.12 17.08 20.90
CA THR B 274 18.02 16.59 22.27
C THR B 274 19.31 15.95 22.78
N SER B 275 20.15 15.35 21.92
CA SER B 275 21.37 14.68 22.39
C SER B 275 22.65 15.44 22.09
N THR B 276 22.60 16.41 21.18
CA THR B 276 23.78 17.13 20.69
C THR B 276 23.73 18.63 20.97
N GLU B 277 22.63 19.31 20.63
CA GLU B 277 22.43 20.72 20.95
C GLU B 277 21.10 20.93 21.67
N PRO B 278 20.99 20.53 22.94
CA PRO B 278 19.76 20.84 23.70
C PRO B 278 19.68 22.30 24.15
N GLN B 279 20.79 23.00 24.25
CA GLN B 279 20.82 24.41 24.61
C GLN B 279 20.68 25.33 23.39
N TYR B 280 20.34 24.77 22.23
CA TYR B 280 20.21 25.57 21.01
C TYR B 280 19.11 26.61 21.14
N GLN B 281 19.48 27.89 20.87
CA GLN B 281 18.52 28.98 20.83
C GLN B 281 18.37 29.47 19.39
N PRO B 282 17.15 29.74 18.94
CA PRO B 282 16.97 30.23 17.55
C PRO B 282 17.55 31.62 17.39
N GLY B 283 18.50 31.78 16.47
CA GLY B 283 19.13 33.05 16.19
C GLY B 283 18.39 33.87 15.14
N GLU B 284 19.14 34.74 14.45
CA GLU B 284 18.52 35.58 13.41
C GLU B 284 18.61 34.97 12.01
N ASN B 285 19.54 34.06 11.77
CA ASN B 285 19.51 33.31 10.52
C ASN B 285 19.31 31.83 10.71
N LEU B 286 20.02 31.22 11.64
CA LEU B 286 19.79 29.81 11.89
C LEU B 286 19.04 29.54 13.21
N GLU C 14 1.10 -2.87 14.17
CA GLU C 14 0.05 -3.16 15.15
C GLU C 14 0.26 -4.50 15.84
N ILE C 15 1.01 -4.51 16.94
CA ILE C 15 1.21 -5.70 17.75
C ILE C 15 0.70 -5.43 19.16
N PRO C 16 -0.61 -5.49 19.41
CA PRO C 16 -1.12 -5.32 20.77
C PRO C 16 -0.78 -6.55 21.62
N ARG C 17 -0.66 -6.32 22.92
CA ARG C 17 -0.34 -7.43 23.80
C ARG C 17 -1.59 -8.22 24.14
N GLU C 18 -1.38 -9.51 24.37
CA GLU C 18 -2.33 -10.56 24.61
C GLU C 18 -3.29 -10.29 25.77
N SER C 19 -3.34 -9.13 26.42
CA SER C 19 -4.15 -8.94 27.64
C SER C 19 -5.60 -8.49 27.36
N LEU C 20 -6.24 -9.07 26.33
CA LEU C 20 -7.67 -8.87 26.03
C LEU C 20 -8.20 -10.22 25.53
N ARG C 21 -8.85 -10.96 26.42
CA ARG C 21 -9.03 -12.40 26.26
C ARG C 21 -10.35 -12.74 25.56
N LEU C 22 -10.57 -14.04 25.39
CA LEU C 22 -11.57 -14.61 24.51
C LEU C 22 -12.72 -15.18 25.33
N GLU C 23 -13.94 -15.04 24.80
CA GLU C 23 -15.15 -15.42 25.54
C GLU C 23 -15.75 -16.74 25.06
N VAL C 24 -16.18 -16.80 23.79
CA VAL C 24 -16.83 -17.98 23.24
C VAL C 24 -15.95 -18.56 22.15
N LYS C 25 -15.73 -19.87 22.20
CA LYS C 25 -14.98 -20.55 21.16
C LYS C 25 -15.93 -20.89 20.02
N LEU C 26 -15.61 -20.42 18.81
CA LEU C 26 -16.51 -20.64 17.67
C LEU C 26 -16.24 -21.96 16.97
N GLY C 27 -15.02 -22.48 17.05
CA GLY C 27 -14.69 -23.66 16.25
C GLY C 27 -13.29 -24.12 16.54
N GLN C 28 -13.06 -25.41 16.32
CA GLN C 28 -11.75 -26.03 16.45
C GLN C 28 -11.46 -26.72 15.13
N GLY C 29 -10.19 -26.73 14.73
CA GLY C 29 -9.82 -27.32 13.46
C GLY C 29 -8.32 -27.52 13.32
N CYS C 30 -7.85 -27.62 12.07
CA CYS C 30 -6.44 -27.88 11.80
C CYS C 30 -5.61 -26.61 11.95
N PHE C 31 -4.55 -26.70 12.76
CA PHE C 31 -3.52 -25.68 12.93
C PHE C 31 -3.94 -24.53 13.85
N GLY C 32 -5.01 -24.69 14.62
CA GLY C 32 -5.34 -23.70 15.60
C GLY C 32 -6.80 -23.75 16.03
N GLU C 33 -7.21 -22.64 16.65
CA GLU C 33 -8.58 -22.42 17.09
C GLU C 33 -9.00 -21.01 16.68
N VAL C 34 -10.31 -20.78 16.73
CA VAL C 34 -10.89 -19.45 16.49
C VAL C 34 -11.91 -19.16 17.59
N TRP C 35 -11.84 -17.94 18.13
CA TRP C 35 -12.65 -17.52 19.27
C TRP C 35 -13.42 -16.25 18.93
N MET C 36 -14.46 -15.98 19.71
CA MET C 36 -15.16 -14.70 19.68
C MET C 36 -14.87 -13.98 20.98
N GLY C 37 -14.49 -12.71 20.88
CA GLY C 37 -14.09 -11.97 22.07
C GLY C 37 -14.31 -10.48 21.97
N THR C 38 -13.61 -9.72 22.80
CA THR C 38 -13.73 -8.26 22.79
C THR C 38 -12.36 -7.62 22.87
N TRP C 39 -12.26 -6.46 22.24
CA TRP C 39 -11.01 -5.76 21.99
C TRP C 39 -11.19 -4.33 22.44
N ASN C 40 -10.37 -3.92 23.41
CA ASN C 40 -10.44 -2.59 24.03
C ASN C 40 -11.77 -2.40 24.77
N GLY C 41 -12.34 -3.50 25.28
CA GLY C 41 -13.51 -3.48 26.15
C GLY C 41 -14.86 -3.28 25.46
N THR C 42 -14.87 -2.73 24.25
CA THR C 42 -16.07 -2.30 23.53
C THR C 42 -16.35 -3.12 22.29
N THR C 43 -15.36 -3.26 21.42
CA THR C 43 -15.54 -3.76 20.07
C THR C 43 -15.61 -5.28 20.08
N ARG C 44 -16.75 -5.82 19.63
CA ARG C 44 -16.87 -7.27 19.47
C ARG C 44 -15.94 -7.71 18.35
N VAL C 45 -15.15 -8.74 18.61
CA VAL C 45 -14.06 -9.13 17.73
C VAL C 45 -13.94 -10.64 17.74
N ALA C 46 -13.64 -11.22 16.57
CA ALA C 46 -13.28 -12.63 16.47
C ALA C 46 -11.76 -12.77 16.41
N ILE C 47 -11.21 -13.66 17.25
CA ILE C 47 -9.77 -13.87 17.36
C ILE C 47 -9.43 -15.30 16.91
N LYS C 48 -8.67 -15.43 15.82
CA LYS C 48 -8.18 -16.72 15.37
C LYS C 48 -6.87 -17.00 16.11
N THR C 49 -6.81 -18.11 16.84
CA THR C 49 -5.58 -18.53 17.50
C THR C 49 -4.85 -19.50 16.59
N LEU C 50 -3.54 -19.32 16.52
CA LEU C 50 -2.67 -20.15 15.77
C LEU C 50 -1.75 -20.86 16.73
N LYS C 51 -1.37 -22.05 16.34
CA LYS C 51 -0.56 -22.96 17.18
C LYS C 51 0.92 -23.04 17.03
N PRO C 52 1.58 -23.64 18.03
CA PRO C 52 3.04 -23.78 17.99
C PRO C 52 3.49 -24.66 16.83
N GLY C 53 2.70 -24.73 15.77
CA GLY C 53 3.03 -25.56 14.63
C GLY C 53 4.02 -24.97 13.65
N THR C 54 3.51 -24.22 12.68
CA THR C 54 4.34 -23.63 11.66
C THR C 54 4.14 -22.14 11.63
N MET C 55 4.90 -21.44 12.43
CA MET C 55 4.77 -20.01 12.50
C MET C 55 6.12 -19.37 12.67
N SER C 56 7.05 -19.67 11.78
CA SER C 56 8.38 -19.12 12.00
C SER C 56 8.10 -17.64 12.26
N PRO C 57 8.08 -17.24 13.54
CA PRO C 57 7.41 -15.98 13.92
C PRO C 57 7.86 -14.76 13.12
N GLU C 58 9.12 -14.66 12.73
CA GLU C 58 9.56 -13.53 11.91
C GLU C 58 8.85 -13.55 10.56
N ALA C 59 8.86 -14.71 9.89
CA ALA C 59 8.26 -14.80 8.57
C ALA C 59 6.76 -14.52 8.60
N PHE C 60 6.10 -14.78 9.75
CA PHE C 60 4.66 -14.49 9.85
C PHE C 60 4.39 -12.99 9.85
N LEU C 61 5.22 -12.20 10.54
CA LEU C 61 4.99 -10.75 10.62
C LEU C 61 5.58 -9.99 9.45
N GLN C 62 6.45 -10.61 8.65
CA GLN C 62 6.79 -10.04 7.36
C GLN C 62 5.56 -9.93 6.46
N GLU C 63 4.51 -10.71 6.75
CA GLU C 63 3.23 -10.65 6.04
C GLU C 63 2.39 -9.46 6.49
N ALA C 64 3.01 -8.28 6.50
CA ALA C 64 2.28 -7.05 6.75
C ALA C 64 1.42 -6.62 5.57
N GLN C 65 1.45 -7.36 4.46
CA GLN C 65 0.57 -7.07 3.33
C GLN C 65 -0.85 -7.59 3.60
N VAL C 66 -0.93 -8.57 4.45
CA VAL C 66 -2.21 -9.05 4.84
C VAL C 66 -2.98 -7.86 5.33
N MET C 67 -2.31 -6.89 5.89
CA MET C 67 -2.98 -5.72 6.39
C MET C 67 -2.67 -4.61 5.42
N LYS C 68 -1.45 -4.60 4.92
CA LYS C 68 -1.05 -3.54 4.02
C LYS C 68 -1.79 -3.72 2.74
N LYS C 69 -2.64 -2.75 2.54
CA LYS C 69 -3.49 -2.60 1.40
C LYS C 69 -3.81 -3.94 0.95
N LEU C 70 -4.85 -4.44 1.57
CA LEU C 70 -5.53 -5.68 1.27
C LEU C 70 -6.83 -5.42 1.95
N ARG C 71 -7.45 -4.28 1.66
CA ARG C 71 -8.66 -3.93 2.30
C ARG C 71 -9.70 -3.91 1.24
N HIS C 72 -10.71 -4.71 1.40
CA HIS C 72 -11.74 -4.73 0.42
C HIS C 72 -13.05 -5.07 1.10
N GLU C 73 -14.15 -4.64 0.54
CA GLU C 73 -15.49 -4.91 1.06
C GLU C 73 -15.76 -6.40 1.23
N LYS C 74 -15.11 -7.27 0.44
CA LYS C 74 -15.35 -8.71 0.51
C LYS C 74 -14.11 -9.49 0.97
N LEU C 75 -13.19 -8.82 1.66
CA LEU C 75 -12.08 -9.45 2.34
C LEU C 75 -12.21 -9.18 3.83
N VAL C 76 -11.88 -10.19 4.63
CA VAL C 76 -11.99 -10.08 6.08
C VAL C 76 -11.01 -9.02 6.56
N GLN C 77 -11.53 -7.92 7.10
CA GLN C 77 -10.71 -6.84 7.63
C GLN C 77 -9.90 -7.32 8.83
N LEU C 78 -8.60 -7.51 8.65
CA LEU C 78 -7.72 -7.76 9.78
C LEU C 78 -7.58 -6.52 10.67
N TYR C 79 -7.63 -6.71 11.97
CA TYR C 79 -7.47 -5.61 12.90
C TYR C 79 -6.04 -5.52 13.47
N ALA C 80 -5.55 -6.59 14.07
CA ALA C 80 -4.24 -6.62 14.71
C ALA C 80 -3.76 -8.05 14.80
N VAL C 81 -2.46 -8.13 15.13
CA VAL C 81 -1.67 -9.35 15.27
C VAL C 81 -0.48 -9.31 16.24
N VAL C 82 -0.60 -10.21 17.20
CA VAL C 82 0.27 -10.65 18.29
C VAL C 82 1.30 -11.60 17.70
N SER C 83 2.65 -11.20 18.09
CA SER C 83 3.79 -11.71 17.35
C SER C 83 4.34 -13.02 17.92
N GLU C 84 4.37 -13.12 19.25
CA GLU C 84 4.89 -14.27 19.97
C GLU C 84 3.93 -15.45 19.84
N GLU C 85 4.43 -16.63 20.20
CA GLU C 85 3.65 -17.87 20.19
C GLU C 85 2.13 -17.73 20.27
N PRO C 86 1.65 -16.88 21.20
CA PRO C 86 0.20 -16.68 21.30
C PRO C 86 -0.29 -16.01 20.02
N ILE C 87 0.30 -16.43 18.90
CA ILE C 87 -0.04 -15.90 17.58
C ILE C 87 -1.54 -15.87 17.35
N TYR C 88 -2.14 -14.70 17.53
CA TYR C 88 -3.57 -14.53 17.35
C TYR C 88 -3.84 -13.52 16.25
N ILE C 89 -4.75 -13.87 15.35
CA ILE C 89 -5.19 -12.99 14.26
C ILE C 89 -6.49 -12.34 14.68
N VAL C 90 -6.47 -11.02 14.82
CA VAL C 90 -7.62 -10.26 15.29
C VAL C 90 -8.32 -9.69 14.07
N THR C 91 -9.56 -10.13 13.82
CA THR C 91 -10.38 -9.66 12.70
C THR C 91 -11.78 -9.30 13.20
N GLU C 92 -12.61 -8.80 12.29
CA GLU C 92 -14.03 -8.55 12.56
C GLU C 92 -14.77 -9.86 12.88
N TYR C 93 -15.98 -9.72 13.42
CA TYR C 93 -16.84 -10.84 13.74
C TYR C 93 -17.94 -10.96 12.69
N MET C 94 -17.92 -12.03 11.90
CA MET C 94 -18.99 -12.32 10.95
C MET C 94 -20.05 -13.19 11.62
N SER C 95 -21.31 -12.76 11.54
CA SER C 95 -22.37 -13.34 12.37
C SER C 95 -22.61 -14.81 12.04
N LYS C 96 -23.00 -15.11 10.79
CA LYS C 96 -23.47 -16.43 10.36
C LYS C 96 -22.35 -17.46 10.20
N GLY C 97 -21.10 -17.09 10.51
CA GLY C 97 -20.02 -18.05 10.48
C GLY C 97 -19.51 -18.32 9.07
N SER C 98 -19.06 -19.56 8.87
CA SER C 98 -18.55 -19.97 7.57
C SER C 98 -19.68 -20.20 6.59
N LEU C 99 -19.42 -19.88 5.31
CA LEU C 99 -20.39 -20.16 4.26
C LEU C 99 -20.74 -21.62 4.23
N LEU C 100 -19.80 -22.50 4.60
CA LEU C 100 -20.08 -23.92 4.59
C LEU C 100 -21.20 -24.25 5.58
N ASP C 101 -21.04 -23.83 6.84
CA ASP C 101 -22.10 -24.06 7.83
C ASP C 101 -23.41 -23.44 7.41
N PHE C 102 -23.36 -22.23 6.85
CA PHE C 102 -24.56 -21.52 6.44
C PHE C 102 -25.33 -22.30 5.38
N LEU C 103 -24.63 -22.99 4.48
CA LEU C 103 -25.37 -23.74 3.47
C LEU C 103 -25.92 -25.03 4.07
N LYS C 104 -25.10 -25.69 4.92
CA LYS C 104 -25.50 -26.95 5.55
C LYS C 104 -26.61 -26.72 6.56
N GLY C 105 -26.60 -25.58 7.23
CA GLY C 105 -27.58 -25.27 8.27
C GLY C 105 -29.04 -25.06 7.87
N GLU C 106 -29.72 -24.27 8.68
CA GLU C 106 -31.15 -24.12 8.48
C GLU C 106 -31.46 -23.21 7.31
N MET C 107 -30.55 -22.27 7.01
CA MET C 107 -30.75 -21.32 5.90
C MET C 107 -30.68 -21.99 4.53
N GLY C 108 -30.11 -23.18 4.41
CA GLY C 108 -30.10 -23.80 3.11
C GLY C 108 -31.48 -24.12 2.57
N LYS C 109 -32.48 -24.27 3.44
CA LYS C 109 -33.81 -24.66 2.96
C LYS C 109 -34.40 -23.61 2.02
N TYR C 110 -34.12 -22.34 2.29
CA TYR C 110 -34.76 -21.24 1.57
C TYR C 110 -33.80 -20.45 0.68
N LEU C 111 -32.51 -20.79 0.66
CA LEU C 111 -31.57 -20.22 -0.32
C LEU C 111 -31.84 -20.79 -1.71
N ARG C 112 -31.99 -19.91 -2.69
CA ARG C 112 -32.20 -20.34 -4.07
C ARG C 112 -31.05 -19.82 -4.94
N LEU C 113 -31.10 -20.13 -6.24
CA LEU C 113 -30.03 -19.70 -7.14
C LEU C 113 -29.77 -18.18 -7.12
N PRO C 114 -30.78 -17.29 -7.18
CA PRO C 114 -30.45 -15.84 -7.14
C PRO C 114 -29.60 -15.44 -5.95
N GLN C 115 -29.87 -16.00 -4.78
CA GLN C 115 -29.00 -15.72 -3.65
C GLN C 115 -27.65 -16.41 -3.82
N LEU C 116 -27.63 -17.66 -4.31
CA LEU C 116 -26.35 -18.36 -4.43
C LEU C 116 -25.44 -17.70 -5.46
N VAL C 117 -26.02 -17.12 -6.53
CA VAL C 117 -25.20 -16.44 -7.55
C VAL C 117 -24.73 -15.11 -7.02
N ASP C 118 -25.57 -14.40 -6.26
CA ASP C 118 -25.13 -13.17 -5.60
C ASP C 118 -23.91 -13.42 -4.71
N MET C 119 -24.00 -14.41 -3.81
CA MET C 119 -22.86 -14.74 -2.95
C MET C 119 -21.65 -15.14 -3.77
N ALA C 120 -21.84 -15.81 -4.92
CA ALA C 120 -20.69 -16.16 -5.75
C ALA C 120 -20.08 -14.92 -6.39
N ALA C 121 -20.94 -13.95 -6.76
CA ALA C 121 -20.48 -12.70 -7.34
C ALA C 121 -19.60 -11.92 -6.37
N GLN C 122 -20.02 -11.85 -5.08
CA GLN C 122 -19.25 -11.16 -4.05
C GLN C 122 -17.91 -11.84 -3.81
N ILE C 123 -17.88 -13.18 -3.85
CA ILE C 123 -16.61 -13.88 -3.71
C ILE C 123 -15.72 -13.60 -4.91
N ALA C 124 -16.30 -13.64 -6.12
CA ALA C 124 -15.49 -13.32 -7.30
C ALA C 124 -14.99 -11.89 -7.25
N SER C 125 -15.70 -10.99 -6.58
CA SER C 125 -15.24 -9.61 -6.56
C SER C 125 -14.09 -9.46 -5.58
N GLY C 126 -14.22 -10.07 -4.40
CA GLY C 126 -13.11 -10.09 -3.46
C GLY C 126 -11.87 -10.72 -4.05
N MET C 127 -12.05 -11.83 -4.78
CA MET C 127 -10.92 -12.48 -5.44
C MET C 127 -10.42 -11.69 -6.65
N ALA C 128 -11.27 -10.83 -7.20
CA ALA C 128 -10.79 -9.95 -8.26
C ALA C 128 -9.91 -8.86 -7.69
N TYR C 129 -10.14 -8.49 -6.44
CA TYR C 129 -9.27 -7.54 -5.77
C TYR C 129 -7.91 -8.16 -5.52
N VAL C 130 -7.89 -9.40 -5.00
CA VAL C 130 -6.66 -10.16 -4.82
C VAL C 130 -5.94 -10.32 -6.15
N GLU C 131 -6.69 -10.44 -7.25
CA GLU C 131 -6.05 -10.56 -8.56
C GLU C 131 -5.46 -9.23 -9.01
N ARG C 132 -6.20 -8.13 -8.86
CA ARG C 132 -5.67 -6.83 -9.22
C ARG C 132 -4.38 -6.54 -8.47
N MET C 133 -4.30 -6.94 -7.19
CA MET C 133 -3.12 -6.68 -6.37
C MET C 133 -1.99 -7.69 -6.60
N ASN C 134 -2.07 -8.49 -7.67
CA ASN C 134 -1.03 -9.46 -8.06
C ASN C 134 -0.73 -10.46 -6.94
N TYR C 135 -1.74 -10.79 -6.13
CA TYR C 135 -1.60 -11.64 -4.95
C TYR C 135 -2.33 -12.97 -5.14
N VAL C 136 -1.94 -13.97 -4.36
CA VAL C 136 -2.47 -15.32 -4.49
C VAL C 136 -3.04 -15.77 -3.16
N HIS C 137 -4.22 -16.39 -3.20
CA HIS C 137 -4.88 -16.97 -2.04
C HIS C 137 -4.83 -18.48 -2.25
N ARG C 138 -3.92 -19.15 -1.56
CA ARG C 138 -3.61 -20.53 -1.90
C ARG C 138 -4.74 -21.51 -1.57
N ASP C 139 -5.73 -21.13 -0.74
CA ASP C 139 -6.80 -22.06 -0.36
C ASP C 139 -8.15 -21.35 -0.34
N LEU C 140 -8.95 -21.57 -1.38
CA LEU C 140 -10.26 -20.93 -1.49
C LEU C 140 -11.32 -22.01 -1.49
N ARG C 141 -12.14 -22.02 -0.43
CA ARG C 141 -13.20 -23.00 -0.27
C ARG C 141 -14.36 -22.34 0.45
N ALA C 142 -15.48 -23.07 0.58
CA ALA C 142 -16.62 -22.54 1.31
C ALA C 142 -16.37 -22.46 2.82
N ALA C 143 -15.38 -23.20 3.33
CA ALA C 143 -15.00 -23.10 4.74
C ALA C 143 -14.14 -21.87 5.05
N ASN C 144 -13.47 -21.30 4.05
CA ASN C 144 -12.70 -20.07 4.23
C ASN C 144 -13.43 -18.84 3.73
N ILE C 145 -14.76 -18.86 3.67
CA ILE C 145 -15.58 -17.70 3.34
C ILE C 145 -16.58 -17.49 4.48
N LEU C 146 -16.66 -16.27 5.00
CA LEU C 146 -17.49 -15.95 6.14
C LEU C 146 -18.75 -15.21 5.69
N VAL C 147 -19.88 -15.53 6.30
CA VAL C 147 -21.17 -14.98 5.91
C VAL C 147 -21.66 -14.08 7.03
N GLY C 148 -21.99 -12.85 6.72
CA GLY C 148 -22.48 -12.00 7.75
C GLY C 148 -23.94 -11.85 7.55
N GLU C 149 -24.42 -10.64 7.86
CA GLU C 149 -25.82 -10.27 7.72
C GLU C 149 -26.10 -9.63 6.36
N ASN C 150 -27.18 -10.07 5.72
CA ASN C 150 -27.55 -9.57 4.40
C ASN C 150 -26.74 -10.35 3.37
N LEU C 151 -26.54 -11.63 3.67
CA LEU C 151 -25.77 -12.54 2.83
C LEU C 151 -24.46 -11.98 2.38
N VAL C 152 -23.87 -11.16 3.22
CA VAL C 152 -22.62 -10.50 2.94
C VAL C 152 -21.56 -11.56 3.13
N CYS C 153 -20.89 -11.93 2.04
CA CYS C 153 -19.80 -12.88 2.07
C CYS C 153 -18.49 -12.13 1.93
N LYS C 154 -17.50 -12.59 2.68
CA LYS C 154 -16.15 -12.09 2.63
C LYS C 154 -15.17 -13.25 2.61
N VAL C 155 -14.09 -13.10 1.87
CA VAL C 155 -13.09 -14.14 1.79
C VAL C 155 -12.13 -14.03 2.97
N ALA C 156 -11.77 -15.18 3.56
CA ALA C 156 -10.93 -15.24 4.73
C ALA C 156 -9.70 -16.11 4.46
N ASP C 157 -8.78 -16.12 5.44
CA ASP C 157 -7.62 -17.01 5.46
C ASP C 157 -6.88 -17.04 4.12
N PHE C 158 -6.53 -15.87 3.63
CA PHE C 158 -5.83 -15.79 2.37
C PHE C 158 -4.34 -16.03 2.54
N GLY C 159 -3.81 -15.55 3.64
CA GLY C 159 -2.40 -15.72 3.93
C GLY C 159 -2.12 -16.94 4.78
N LEU C 160 -1.67 -18.01 4.13
CA LEU C 160 -1.36 -19.26 4.81
C LEU C 160 -0.46 -20.12 3.93
N ALA C 161 0.84 -19.93 4.05
CA ALA C 161 1.81 -20.68 3.24
C ALA C 161 2.66 -21.62 4.09
N PHE C 177 -4.39 -32.02 3.26
CA PHE C 177 -4.82 -30.72 2.76
C PHE C 177 -5.92 -30.88 1.70
N PRO C 178 -6.78 -29.83 1.51
CA PRO C 178 -7.93 -29.97 0.59
C PRO C 178 -7.54 -30.12 -0.87
N ILE C 179 -7.16 -31.34 -1.26
CA ILE C 179 -6.78 -31.58 -2.65
C ILE C 179 -8.00 -31.61 -3.58
N LYS C 180 -9.21 -31.82 -3.04
CA LYS C 180 -10.38 -31.78 -3.91
C LYS C 180 -10.70 -30.37 -4.38
N TRP C 181 -10.11 -29.33 -3.75
CA TRP C 181 -10.32 -27.92 -4.13
C TRP C 181 -9.17 -27.32 -4.93
N THR C 182 -7.94 -27.82 -4.79
CA THR C 182 -6.81 -27.19 -5.43
C THR C 182 -6.68 -27.66 -6.87
N ALA C 183 -6.02 -26.84 -7.69
CA ALA C 183 -5.89 -27.09 -9.10
C ALA C 183 -4.86 -28.20 -9.33
N PRO C 184 -4.96 -28.95 -10.44
CA PRO C 184 -4.00 -30.04 -10.65
C PRO C 184 -2.57 -29.55 -10.82
N GLU C 185 -2.35 -28.36 -11.36
CA GLU C 185 -0.98 -27.87 -11.50
C GLU C 185 -0.35 -27.57 -10.15
N ALA C 186 -1.18 -27.27 -9.13
CA ALA C 186 -0.65 -26.86 -7.84
C ALA C 186 -0.49 -28.02 -6.87
N ALA C 187 -1.18 -29.13 -7.12
CA ALA C 187 -1.08 -30.27 -6.24
C ALA C 187 0.06 -31.18 -6.67
N LEU C 188 0.37 -31.21 -7.97
CA LEU C 188 1.42 -32.07 -8.50
C LEU C 188 2.77 -31.36 -8.59
N TYR C 189 2.81 -30.12 -9.08
CA TYR C 189 4.07 -29.41 -9.33
C TYR C 189 4.22 -28.13 -8.51
N GLY C 190 3.37 -27.93 -7.49
CA GLY C 190 3.52 -26.82 -6.55
C GLY C 190 3.44 -25.42 -7.15
N ARG C 191 2.72 -25.26 -8.25
CA ARG C 191 2.58 -23.96 -8.89
C ARG C 191 1.24 -23.27 -8.60
N PHE C 192 1.12 -22.70 -7.41
CA PHE C 192 -0.08 -21.99 -7.02
C PHE C 192 -0.10 -20.66 -7.76
N THR C 193 -1.09 -20.49 -8.62
CA THR C 193 -1.30 -19.24 -9.34
C THR C 193 -2.62 -18.62 -8.91
N ILE C 194 -2.92 -17.41 -9.42
CA ILE C 194 -4.27 -16.88 -9.24
C ILE C 194 -5.26 -17.64 -10.12
N LYS C 195 -4.76 -18.22 -11.22
CA LYS C 195 -5.55 -19.13 -12.03
C LYS C 195 -5.81 -20.47 -11.33
N SER C 196 -4.96 -20.84 -10.36
CA SER C 196 -5.26 -22.01 -9.54
C SER C 196 -6.36 -21.69 -8.53
N ASP C 197 -6.49 -20.42 -8.16
CA ASP C 197 -7.63 -20.00 -7.34
C ASP C 197 -8.95 -20.04 -8.12
N VAL C 198 -8.92 -19.85 -9.45
CA VAL C 198 -10.18 -19.91 -10.18
C VAL C 198 -10.63 -21.35 -10.29
N TRP C 199 -9.69 -22.29 -10.42
CA TRP C 199 -10.03 -23.71 -10.30
C TRP C 199 -10.82 -23.98 -9.01
N SER C 200 -10.31 -23.49 -7.87
CA SER C 200 -10.99 -23.68 -6.60
C SER C 200 -12.34 -22.97 -6.59
N PHE C 201 -12.38 -21.77 -7.19
CA PHE C 201 -13.65 -21.06 -7.29
C PHE C 201 -14.67 -21.93 -8.00
N GLY C 202 -14.28 -22.60 -9.07
CA GLY C 202 -15.21 -23.49 -9.76
C GLY C 202 -15.69 -24.61 -8.86
N ILE C 203 -14.80 -25.18 -8.06
CA ILE C 203 -15.21 -26.18 -7.09
C ILE C 203 -16.13 -25.55 -6.04
N LEU C 204 -15.76 -24.36 -5.56
CA LEU C 204 -16.63 -23.64 -4.64
C LEU C 204 -18.04 -23.40 -5.22
N LEU C 205 -18.14 -23.19 -6.55
CA LEU C 205 -19.44 -23.03 -7.18
C LEU C 205 -20.28 -24.27 -6.95
N THR C 206 -19.66 -25.45 -6.96
CA THR C 206 -20.47 -26.64 -6.75
C THR C 206 -20.98 -26.70 -5.32
N GLU C 207 -20.20 -26.16 -4.35
CA GLU C 207 -20.67 -26.13 -2.97
C GLU C 207 -21.88 -25.23 -2.84
N LEU C 208 -21.86 -24.10 -3.55
CA LEU C 208 -23.02 -23.21 -3.51
C LEU C 208 -24.26 -23.90 -4.11
N THR C 209 -24.11 -24.57 -5.26
CA THR C 209 -25.25 -25.18 -5.93
C THR C 209 -25.66 -26.56 -5.38
N THR C 210 -24.90 -27.13 -4.43
CA THR C 210 -25.27 -28.34 -3.70
C THR C 210 -25.55 -28.03 -2.23
N LYS C 211 -25.52 -26.76 -1.87
CA LYS C 211 -25.74 -26.32 -0.50
C LYS C 211 -24.86 -27.09 0.49
N GLY C 212 -23.56 -27.15 0.18
CA GLY C 212 -22.53 -27.50 1.14
C GLY C 212 -21.96 -28.89 1.02
N ARG C 213 -22.42 -29.70 0.05
CA ARG C 213 -22.00 -31.09 -0.05
C ARG C 213 -20.62 -31.19 -0.73
N VAL C 214 -19.84 -32.21 -0.34
CA VAL C 214 -18.40 -32.24 -0.58
C VAL C 214 -18.14 -32.71 -2.01
N PRO C 215 -17.24 -32.03 -2.75
CA PRO C 215 -17.07 -32.28 -4.21
C PRO C 215 -16.62 -33.71 -4.47
N TYR C 216 -16.74 -34.12 -5.73
CA TYR C 216 -16.48 -35.50 -6.13
C TYR C 216 -17.11 -36.47 -5.13
N PRO C 217 -18.43 -36.41 -4.95
CA PRO C 217 -19.07 -37.36 -4.05
C PRO C 217 -18.71 -38.79 -4.44
N GLY C 218 -18.24 -39.57 -3.45
CA GLY C 218 -17.93 -41.00 -3.61
C GLY C 218 -16.46 -41.33 -3.84
N MET C 219 -15.61 -40.33 -4.03
CA MET C 219 -14.22 -40.54 -4.36
C MET C 219 -13.36 -40.06 -3.20
N VAL C 220 -12.11 -40.52 -3.21
CA VAL C 220 -11.16 -40.22 -2.16
C VAL C 220 -10.03 -39.40 -2.79
N ASN C 221 -9.22 -38.77 -1.92
CA ASN C 221 -8.21 -37.78 -2.33
C ASN C 221 -7.17 -38.29 -3.33
N ARG C 222 -6.96 -39.61 -3.43
CA ARG C 222 -6.07 -40.10 -4.48
C ARG C 222 -6.84 -40.65 -5.68
N GLU C 223 -8.10 -41.04 -5.49
CA GLU C 223 -8.97 -41.41 -6.60
C GLU C 223 -9.37 -40.18 -7.43
N VAL C 224 -9.34 -38.99 -6.84
CA VAL C 224 -9.63 -37.75 -7.57
C VAL C 224 -8.46 -37.37 -8.49
N LEU C 225 -7.21 -37.50 -8.00
CA LEU C 225 -6.06 -37.14 -8.82
C LEU C 225 -5.92 -38.07 -10.03
N ASP C 226 -6.30 -39.34 -9.86
CA ASP C 226 -6.41 -40.24 -11.00
C ASP C 226 -7.39 -39.71 -12.06
N GLN C 227 -8.62 -39.37 -11.64
CA GLN C 227 -9.67 -39.02 -12.59
C GLN C 227 -9.47 -37.63 -13.22
N VAL C 228 -8.92 -36.66 -12.49
CA VAL C 228 -8.83 -35.32 -13.06
C VAL C 228 -7.81 -35.28 -14.18
N GLU C 229 -6.69 -35.99 -14.03
CA GLU C 229 -5.70 -36.04 -15.10
C GLU C 229 -6.24 -36.75 -16.33
N ARG C 230 -7.07 -37.77 -16.11
CA ARG C 230 -7.68 -38.51 -17.22
C ARG C 230 -8.80 -37.72 -17.89
N GLY C 231 -9.15 -36.54 -17.37
CA GLY C 231 -10.17 -35.71 -17.96
C GLY C 231 -11.51 -35.64 -17.25
N TYR C 232 -11.67 -36.28 -16.09
CA TYR C 232 -12.97 -36.28 -15.43
C TYR C 232 -13.26 -34.91 -14.82
N ARG C 233 -14.47 -34.39 -15.09
CA ARG C 233 -14.98 -33.18 -14.45
C ARG C 233 -16.34 -33.47 -13.83
N MET C 234 -16.67 -32.75 -12.77
CA MET C 234 -17.92 -33.01 -12.07
C MET C 234 -19.12 -32.70 -12.96
N PRO C 235 -20.09 -33.57 -13.02
CA PRO C 235 -21.30 -33.30 -13.80
C PRO C 235 -22.14 -32.16 -13.23
N CYS C 236 -23.15 -31.80 -13.98
CA CYS C 236 -23.95 -30.64 -13.64
C CYS C 236 -24.78 -30.97 -12.41
N PRO C 237 -24.75 -30.14 -11.36
CA PRO C 237 -25.56 -30.43 -10.19
C PRO C 237 -27.03 -30.48 -10.54
N PRO C 238 -27.82 -31.25 -9.81
CA PRO C 238 -29.28 -31.24 -10.03
C PRO C 238 -29.86 -29.84 -9.88
N GLU C 239 -30.83 -29.53 -10.73
CA GLU C 239 -31.53 -28.24 -10.86
C GLU C 239 -30.62 -27.08 -11.20
N CYS C 240 -29.32 -27.32 -11.54
CA CYS C 240 -28.41 -26.24 -11.89
C CYS C 240 -28.42 -26.02 -13.41
N PRO C 241 -28.57 -24.77 -13.86
CA PRO C 241 -28.52 -24.52 -15.30
C PRO C 241 -27.16 -24.89 -15.87
N GLU C 242 -27.18 -25.45 -17.08
CA GLU C 242 -25.93 -25.75 -17.77
C GLU C 242 -25.10 -24.50 -18.07
N SER C 243 -25.73 -23.31 -18.12
CA SER C 243 -24.95 -22.08 -18.27
C SER C 243 -23.98 -21.90 -17.11
N LEU C 244 -24.44 -22.21 -15.89
CA LEU C 244 -23.59 -22.15 -14.71
C LEU C 244 -22.61 -23.32 -14.63
N HIS C 245 -22.93 -24.47 -15.27
CA HIS C 245 -21.97 -25.57 -15.29
C HIS C 245 -20.82 -25.29 -16.25
N ASP C 246 -21.11 -24.68 -17.40
CA ASP C 246 -20.05 -24.35 -18.35
C ASP C 246 -19.09 -23.33 -17.76
N LEU C 247 -19.59 -22.47 -16.84
CA LEU C 247 -18.67 -21.56 -16.16
C LEU C 247 -17.74 -22.32 -15.25
N MET C 248 -18.21 -23.43 -14.67
CA MET C 248 -17.29 -24.21 -13.85
C MET C 248 -16.21 -24.84 -14.72
N CYS C 249 -16.61 -25.43 -15.87
CA CYS C 249 -15.63 -26.09 -16.72
C CYS C 249 -14.60 -25.11 -17.27
N GLN C 250 -15.00 -23.86 -17.53
CA GLN C 250 -14.02 -22.82 -17.83
C GLN C 250 -13.03 -22.65 -16.68
N CYS C 251 -13.51 -22.69 -15.44
CA CYS C 251 -12.59 -22.67 -14.30
C CYS C 251 -11.83 -23.99 -14.14
N TRP C 252 -12.31 -25.09 -14.73
CA TRP C 252 -11.65 -26.39 -14.59
C TRP C 252 -10.87 -26.79 -15.83
N ARG C 253 -10.51 -25.84 -16.69
CA ARG C 253 -9.76 -26.18 -17.90
C ARG C 253 -8.35 -26.61 -17.53
N LYS C 254 -7.80 -27.54 -18.32
CA LYS C 254 -6.48 -28.10 -18.04
C LYS C 254 -5.38 -27.03 -18.06
N ASP C 255 -5.37 -26.18 -19.09
CA ASP C 255 -4.37 -25.10 -19.23
C ASP C 255 -4.71 -23.93 -18.30
N PRO C 256 -3.84 -23.59 -17.35
CA PRO C 256 -4.22 -22.55 -16.36
C PRO C 256 -4.51 -21.18 -16.98
N GLU C 257 -3.64 -20.70 -17.88
CA GLU C 257 -3.79 -19.35 -18.47
C GLU C 257 -5.04 -19.21 -19.34
N GLU C 258 -5.71 -20.32 -19.71
CA GLU C 258 -6.99 -20.29 -20.42
C GLU C 258 -8.20 -20.34 -19.47
N ARG C 259 -7.99 -20.30 -18.14
CA ARG C 259 -9.11 -20.15 -17.24
C ARG C 259 -9.48 -18.67 -17.12
N PRO C 260 -10.76 -18.38 -16.86
CA PRO C 260 -11.23 -17.00 -16.95
C PRO C 260 -10.68 -16.15 -15.80
N THR C 261 -10.61 -14.85 -16.07
CA THR C 261 -10.24 -13.87 -15.06
C THR C 261 -11.28 -13.86 -13.94
N PHE C 262 -10.88 -13.34 -12.78
CA PHE C 262 -11.87 -13.11 -11.72
C PHE C 262 -12.76 -11.91 -12.00
N GLU C 263 -12.29 -10.95 -12.83
CA GLU C 263 -13.18 -9.85 -13.24
C GLU C 263 -14.18 -10.33 -14.28
N TYR C 264 -13.80 -11.28 -15.13
CA TYR C 264 -14.80 -11.88 -16.02
C TYR C 264 -15.79 -12.71 -15.21
N LEU C 265 -15.31 -13.43 -14.19
CA LEU C 265 -16.20 -14.16 -13.30
C LEU C 265 -17.12 -13.22 -12.54
N GLN C 266 -16.58 -12.09 -12.06
CA GLN C 266 -17.42 -11.17 -11.31
C GLN C 266 -18.52 -10.59 -12.20
N ALA C 267 -18.14 -10.12 -13.38
CA ALA C 267 -19.12 -9.57 -14.32
C ALA C 267 -20.11 -10.62 -14.78
N PHE C 268 -19.65 -11.87 -14.98
CA PHE C 268 -20.54 -12.91 -15.47
C PHE C 268 -21.64 -13.22 -14.48
N LEU C 269 -21.29 -13.27 -13.19
CA LEU C 269 -22.26 -13.57 -12.15
C LEU C 269 -23.18 -12.38 -11.84
N GLU C 270 -22.63 -11.15 -11.88
CA GLU C 270 -23.44 -9.94 -11.68
C GLU C 270 -24.52 -9.75 -12.75
N ASP C 271 -24.32 -10.22 -13.98
CA ASP C 271 -25.28 -10.01 -15.05
C ASP C 271 -26.09 -11.26 -15.34
N TYR C 272 -25.94 -12.30 -14.50
CA TYR C 272 -26.34 -13.65 -14.87
C TYR C 272 -27.81 -13.70 -15.24
N PHE C 273 -28.66 -13.12 -14.40
CA PHE C 273 -30.09 -13.34 -14.60
C PHE C 273 -30.71 -12.40 -15.62
N THR C 274 -29.93 -11.57 -16.29
CA THR C 274 -30.48 -10.84 -17.40
C THR C 274 -29.72 -11.09 -18.70
N SER C 275 -28.42 -11.33 -18.66
CA SER C 275 -27.69 -11.63 -19.89
C SER C 275 -27.60 -13.11 -20.22
N THR C 276 -27.73 -14.01 -19.22
CA THR C 276 -27.47 -15.44 -19.44
C THR C 276 -28.68 -16.33 -19.19
N GLU C 277 -29.39 -16.15 -18.06
CA GLU C 277 -30.61 -16.91 -17.77
C GLU C 277 -31.74 -15.93 -17.45
N PRO C 278 -32.22 -15.18 -18.45
CA PRO C 278 -33.47 -14.42 -18.23
C PRO C 278 -34.67 -15.36 -18.13
N GLN C 279 -34.48 -16.60 -18.60
CA GLN C 279 -35.44 -17.69 -18.60
C GLN C 279 -35.71 -18.26 -17.20
N TYR C 280 -34.90 -17.87 -16.22
CA TYR C 280 -34.83 -18.61 -14.96
C TYR C 280 -36.14 -18.56 -14.19
N GLN C 281 -36.63 -19.73 -13.76
CA GLN C 281 -37.80 -19.84 -12.91
C GLN C 281 -37.42 -20.50 -11.59
N PRO C 282 -37.82 -19.95 -10.44
CA PRO C 282 -37.39 -20.51 -9.16
C PRO C 282 -37.97 -21.91 -8.92
N GLY C 283 -37.07 -22.87 -8.72
CA GLY C 283 -37.45 -24.25 -8.52
C GLY C 283 -37.63 -24.57 -7.05
N GLU C 284 -37.63 -25.88 -6.76
CA GLU C 284 -37.83 -26.34 -5.40
C GLU C 284 -36.55 -26.36 -4.59
N ASN C 285 -35.39 -26.41 -5.24
CA ASN C 285 -34.10 -26.28 -4.58
C ASN C 285 -33.31 -25.08 -5.06
N LEU C 286 -33.18 -24.89 -6.37
CA LEU C 286 -32.41 -23.76 -6.86
C LEU C 286 -33.33 -22.72 -7.49
N ILE D 15 -43.95 -21.18 -47.80
CA ILE D 15 -44.01 -22.13 -46.70
C ILE D 15 -43.71 -23.54 -47.17
N PRO D 16 -42.60 -24.11 -46.69
CA PRO D 16 -42.14 -25.39 -47.21
C PRO D 16 -42.63 -26.58 -46.40
N ARG D 17 -42.36 -27.76 -46.94
CA ARG D 17 -42.47 -29.07 -46.31
C ARG D 17 -41.64 -29.09 -45.01
N GLU D 18 -42.02 -29.98 -44.07
CA GLU D 18 -41.20 -30.18 -42.88
C GLU D 18 -39.96 -31.00 -43.26
N SER D 19 -39.07 -30.31 -43.99
CA SER D 19 -38.00 -30.88 -44.77
C SER D 19 -36.71 -30.20 -44.35
N LEU D 20 -36.32 -30.44 -43.09
CA LEU D 20 -35.29 -29.66 -42.44
C LEU D 20 -35.31 -30.30 -41.07
N ARG D 21 -34.17 -30.67 -40.54
CA ARG D 21 -34.23 -31.23 -39.21
C ARG D 21 -33.13 -30.76 -38.29
N LEU D 22 -33.59 -30.20 -37.20
CA LEU D 22 -32.69 -29.64 -36.22
C LEU D 22 -31.64 -30.65 -35.81
N GLU D 23 -30.39 -30.20 -35.77
CA GLU D 23 -29.29 -31.03 -35.32
C GLU D 23 -28.72 -30.52 -34.00
N VAL D 24 -28.35 -29.25 -33.94
CA VAL D 24 -27.74 -28.65 -32.75
C VAL D 24 -28.69 -27.60 -32.20
N LYS D 25 -28.94 -27.64 -30.88
CA LYS D 25 -29.71 -26.62 -30.19
C LYS D 25 -28.78 -25.48 -29.82
N LEU D 26 -29.02 -24.31 -30.39
CA LEU D 26 -28.11 -23.20 -30.10
C LEU D 26 -28.46 -22.50 -28.79
N GLY D 27 -29.70 -22.60 -28.34
CA GLY D 27 -30.09 -21.80 -27.20
C GLY D 27 -31.56 -21.92 -26.90
N GLN D 28 -31.90 -21.75 -25.62
CA GLN D 28 -33.26 -21.87 -25.10
C GLN D 28 -33.62 -20.59 -24.38
N GLY D 29 -34.90 -20.24 -24.36
CA GLY D 29 -35.28 -19.05 -23.65
C GLY D 29 -36.74 -18.68 -23.83
N CYS D 30 -36.96 -17.37 -23.85
CA CYS D 30 -38.28 -16.77 -24.01
C CYS D 30 -39.06 -17.41 -25.15
N PHE D 31 -40.28 -17.85 -24.81
CA PHE D 31 -41.35 -18.11 -25.77
C PHE D 31 -40.95 -19.08 -26.87
N GLY D 32 -39.88 -19.85 -26.68
CA GLY D 32 -39.51 -20.84 -27.68
C GLY D 32 -38.04 -21.20 -27.60
N GLU D 33 -37.60 -21.96 -28.61
CA GLU D 33 -36.21 -22.38 -28.73
C GLU D 33 -35.65 -22.03 -30.11
N VAL D 34 -34.32 -22.10 -30.25
CA VAL D 34 -33.65 -21.85 -31.52
C VAL D 34 -32.67 -22.98 -31.80
N TRP D 35 -32.64 -23.45 -33.05
CA TRP D 35 -31.85 -24.60 -33.46
C TRP D 35 -31.02 -24.28 -34.70
N MET D 36 -29.94 -25.04 -34.89
CA MET D 36 -29.16 -25.04 -36.13
C MET D 36 -29.37 -26.36 -36.85
N GLY D 37 -29.77 -26.29 -38.12
CA GLY D 37 -30.03 -27.52 -38.86
C GLY D 37 -29.70 -27.45 -40.34
N THR D 38 -30.34 -28.30 -41.15
CA THR D 38 -30.18 -28.32 -42.59
C THR D 38 -31.54 -28.17 -43.26
N TRP D 39 -31.54 -27.61 -44.47
CA TRP D 39 -32.75 -27.36 -45.23
C TRP D 39 -32.51 -27.85 -46.65
N ASN D 40 -33.34 -28.79 -47.12
CA ASN D 40 -33.16 -29.40 -48.44
C ASN D 40 -31.84 -30.14 -48.53
N GLY D 41 -31.31 -30.60 -47.39
CA GLY D 41 -30.18 -31.49 -47.35
C GLY D 41 -28.80 -30.90 -47.59
N THR D 42 -28.68 -29.63 -48.02
CA THR D 42 -27.39 -29.04 -48.30
C THR D 42 -27.22 -27.67 -47.64
N THR D 43 -28.24 -26.82 -47.66
CA THR D 43 -28.21 -25.53 -47.01
C THR D 43 -28.07 -25.70 -45.49
N ARG D 44 -27.05 -25.08 -44.89
CA ARG D 44 -26.99 -24.93 -43.44
C ARG D 44 -27.89 -23.79 -42.99
N VAL D 45 -28.76 -24.08 -42.03
CA VAL D 45 -29.87 -23.19 -41.70
C VAL D 45 -30.08 -23.18 -40.19
N ALA D 46 -30.37 -22.01 -39.65
CA ALA D 46 -30.80 -21.84 -38.27
C ALA D 46 -32.32 -21.77 -38.23
N ILE D 47 -32.92 -22.56 -37.35
CA ILE D 47 -34.37 -22.62 -37.22
C ILE D 47 -34.74 -22.15 -35.81
N LYS D 48 -35.54 -21.11 -35.73
CA LYS D 48 -36.09 -20.66 -34.46
C LYS D 48 -37.50 -21.20 -34.31
N THR D 49 -37.73 -22.02 -33.27
CA THR D 49 -39.04 -22.54 -32.93
C THR D 49 -39.72 -21.57 -31.96
N LEU D 50 -41.03 -21.44 -32.08
CA LEU D 50 -41.81 -20.60 -31.19
C LEU D 50 -42.98 -21.38 -30.57
N LYS D 51 -42.68 -22.20 -29.56
CA LYS D 51 -43.70 -23.05 -28.95
C LYS D 51 -44.95 -22.27 -28.53
N PRO D 52 -46.13 -22.98 -28.30
CA PRO D 52 -47.43 -22.28 -28.29
C PRO D 52 -47.60 -21.13 -27.29
N GLY D 53 -46.79 -20.08 -27.45
CA GLY D 53 -46.90 -18.90 -26.62
C GLY D 53 -47.62 -17.78 -27.33
N THR D 54 -48.90 -17.57 -26.99
CA THR D 54 -49.81 -16.76 -27.79
C THR D 54 -49.46 -16.91 -29.27
N MET D 55 -49.26 -18.16 -29.68
CA MET D 55 -48.97 -18.33 -31.09
C MET D 55 -49.98 -17.46 -31.83
N SER D 56 -49.80 -17.32 -33.12
CA SER D 56 -50.72 -16.48 -33.85
C SER D 56 -51.51 -17.30 -34.86
N PRO D 57 -52.78 -17.57 -34.52
CA PRO D 57 -53.68 -18.35 -35.38
C PRO D 57 -53.41 -18.10 -36.86
N GLU D 58 -54.11 -17.14 -37.44
CA GLU D 58 -53.94 -16.82 -38.85
C GLU D 58 -53.35 -15.42 -39.04
N ALA D 59 -53.14 -14.72 -37.93
CA ALA D 59 -52.59 -13.38 -37.96
C ALA D 59 -51.08 -13.40 -38.16
N PHE D 60 -50.44 -14.44 -37.63
CA PHE D 60 -49.00 -14.59 -37.75
C PHE D 60 -48.56 -14.59 -39.21
N LEU D 61 -49.20 -15.42 -40.02
CA LEU D 61 -48.89 -15.51 -41.43
C LEU D 61 -49.03 -14.13 -42.07
N GLN D 62 -50.03 -13.35 -41.63
CA GLN D 62 -50.17 -11.96 -42.08
C GLN D 62 -48.85 -11.19 -41.94
N GLU D 63 -47.96 -11.68 -41.08
CA GLU D 63 -46.54 -11.30 -41.11
C GLU D 63 -45.88 -11.86 -42.37
N ALA D 64 -46.31 -11.34 -43.51
CA ALA D 64 -45.51 -11.48 -44.71
C ALA D 64 -44.56 -10.30 -44.90
N GLN D 65 -44.74 -9.25 -44.09
CA GLN D 65 -43.80 -8.12 -44.10
C GLN D 65 -42.38 -8.56 -43.79
N VAL D 66 -42.23 -9.61 -42.98
CA VAL D 66 -40.90 -10.16 -42.70
C VAL D 66 -40.14 -10.46 -43.98
N MET D 67 -40.86 -10.88 -45.04
CA MET D 67 -40.29 -11.13 -46.35
C MET D 67 -40.79 -10.18 -47.42
N LYS D 68 -41.90 -9.45 -47.18
CA LYS D 68 -42.30 -8.36 -48.07
C LYS D 68 -41.14 -7.35 -48.04
N LYS D 69 -40.08 -7.72 -48.74
CA LYS D 69 -38.81 -6.99 -48.85
C LYS D 69 -38.19 -6.44 -47.56
N LEU D 70 -38.50 -6.98 -46.38
CA LEU D 70 -37.62 -6.49 -45.33
C LEU D 70 -36.28 -7.19 -45.51
N ARG D 71 -35.82 -7.19 -46.77
CA ARG D 71 -34.57 -7.81 -47.19
C ARG D 71 -33.49 -6.74 -47.22
N HIS D 72 -32.54 -6.86 -46.31
CA HIS D 72 -31.44 -5.92 -46.20
C HIS D 72 -30.18 -6.69 -45.83
N GLU D 73 -29.04 -6.13 -46.24
CA GLU D 73 -27.75 -6.73 -45.93
C GLU D 73 -27.52 -6.84 -44.43
N LYS D 74 -28.21 -6.01 -43.63
CA LYS D 74 -28.04 -5.97 -42.19
C LYS D 74 -29.32 -6.35 -41.43
N LEU D 75 -30.29 -6.97 -42.10
CA LEU D 75 -31.37 -7.70 -41.44
C LEU D 75 -31.21 -9.19 -41.74
N VAL D 76 -31.55 -10.03 -40.75
CA VAL D 76 -31.40 -11.47 -40.90
C VAL D 76 -32.44 -11.96 -41.91
N GLN D 77 -31.98 -12.77 -42.86
CA GLN D 77 -32.75 -13.13 -44.05
C GLN D 77 -33.77 -14.20 -43.69
N LEU D 78 -35.05 -13.83 -43.75
CA LEU D 78 -36.09 -14.83 -43.69
C LEU D 78 -35.99 -15.74 -44.91
N TYR D 79 -36.00 -17.04 -44.67
CA TYR D 79 -35.93 -18.05 -45.73
C TYR D 79 -37.28 -18.72 -45.97
N ALA D 80 -37.99 -19.12 -44.92
CA ALA D 80 -39.29 -19.77 -45.04
C ALA D 80 -39.89 -19.90 -43.64
N VAL D 81 -41.11 -20.39 -43.58
CA VAL D 81 -41.80 -20.59 -42.31
C VAL D 81 -42.61 -21.88 -42.41
N VAL D 82 -42.59 -22.70 -41.34
CA VAL D 82 -43.31 -23.96 -41.29
C VAL D 82 -44.70 -23.68 -40.73
N SER D 83 -45.09 -22.40 -40.72
CA SER D 83 -46.32 -21.91 -40.06
C SER D 83 -46.62 -22.65 -38.76
N GLU D 85 -48.72 -25.94 -35.00
CA GLU D 85 -47.97 -24.97 -34.23
C GLU D 85 -46.43 -25.16 -34.00
N PRO D 86 -45.73 -26.18 -34.64
CA PRO D 86 -44.27 -26.23 -34.49
C PRO D 86 -43.73 -25.05 -35.25
N ILE D 87 -44.14 -23.87 -34.78
CA ILE D 87 -43.79 -22.59 -35.39
C ILE D 87 -42.31 -22.56 -35.72
N TYR D 88 -41.99 -22.59 -37.01
CA TYR D 88 -40.59 -22.55 -37.35
C TYR D 88 -40.37 -21.28 -38.15
N ILE D 89 -39.29 -20.59 -37.81
CA ILE D 89 -38.87 -19.43 -38.56
C ILE D 89 -37.52 -19.80 -39.15
N VAL D 90 -37.49 -20.02 -40.45
CA VAL D 90 -36.29 -20.48 -41.13
C VAL D 90 -35.51 -19.25 -41.60
N THR D 91 -34.27 -19.10 -41.11
CA THR D 91 -33.44 -17.95 -41.46
C THR D 91 -32.03 -18.43 -41.78
N GLU D 92 -31.15 -17.48 -42.11
CA GLU D 92 -29.74 -17.84 -42.32
C GLU D 92 -29.08 -18.20 -40.99
N TYR D 93 -27.89 -18.80 -41.09
CA TYR D 93 -27.11 -19.18 -39.91
C TYR D 93 -25.96 -18.19 -39.74
N MET D 94 -25.97 -17.47 -38.62
CA MET D 94 -24.90 -16.55 -38.24
C MET D 94 -23.93 -17.29 -37.34
N SER D 95 -22.66 -17.35 -37.76
CA SER D 95 -21.69 -18.22 -37.11
C SER D 95 -21.49 -17.86 -35.63
N LYS D 96 -21.17 -16.59 -35.36
CA LYS D 96 -20.72 -16.18 -34.03
C LYS D 96 -21.85 -15.93 -33.02
N GLY D 97 -23.10 -16.22 -33.38
CA GLY D 97 -24.20 -16.09 -32.43
C GLY D 97 -24.62 -14.63 -32.23
N SER D 98 -25.26 -14.40 -31.08
CA SER D 98 -25.72 -13.05 -30.76
C SER D 98 -24.56 -12.17 -30.33
N LEU D 99 -24.65 -10.89 -30.68
CA LEU D 99 -23.63 -9.90 -30.34
C LEU D 99 -23.38 -9.85 -28.85
N LEU D 100 -24.41 -10.08 -28.03
CA LEU D 100 -24.19 -10.06 -26.60
C LEU D 100 -23.16 -11.13 -26.24
N ASP D 101 -23.33 -12.33 -26.78
CA ASP D 101 -22.38 -13.38 -26.43
C ASP D 101 -21.01 -13.09 -27.00
N PHE D 102 -20.97 -12.60 -28.23
CA PHE D 102 -19.72 -12.25 -28.88
C PHE D 102 -18.90 -11.28 -28.04
N LEU D 103 -19.56 -10.28 -27.46
CA LEU D 103 -18.84 -9.31 -26.62
C LEU D 103 -18.40 -9.93 -25.28
N LYS D 104 -19.30 -10.66 -24.60
CA LYS D 104 -18.98 -11.34 -23.34
C LYS D 104 -17.99 -12.49 -23.56
N GLY D 105 -17.99 -13.10 -24.75
CA GLY D 105 -17.13 -14.22 -25.06
C GLY D 105 -15.66 -13.89 -25.28
N GLU D 106 -14.98 -14.84 -25.92
CA GLU D 106 -13.52 -14.76 -26.00
C GLU D 106 -13.07 -13.55 -26.81
N MET D 107 -13.91 -13.10 -27.75
CA MET D 107 -13.54 -12.04 -28.69
C MET D 107 -13.52 -10.65 -28.06
N GLY D 108 -14.17 -10.45 -26.92
CA GLY D 108 -14.17 -9.13 -26.31
C GLY D 108 -12.80 -8.64 -25.90
N LYS D 109 -11.87 -9.57 -25.59
CA LYS D 109 -10.55 -9.14 -25.17
C LYS D 109 -9.87 -8.29 -26.22
N TYR D 110 -10.14 -8.56 -27.50
CA TYR D 110 -9.41 -7.95 -28.60
C TYR D 110 -10.25 -6.95 -29.38
N LEU D 111 -11.55 -6.84 -29.10
CA LEU D 111 -12.37 -5.84 -29.76
C LEU D 111 -12.08 -4.45 -29.19
N ARG D 112 -11.74 -3.51 -30.09
CA ARG D 112 -11.46 -2.12 -29.75
C ARG D 112 -12.54 -1.21 -30.35
N LEU D 113 -12.48 0.07 -30.00
CA LEU D 113 -13.48 1.03 -30.48
C LEU D 113 -13.70 1.00 -31.99
N PRO D 114 -12.67 0.94 -32.86
CA PRO D 114 -12.97 0.89 -34.30
C PRO D 114 -13.84 -0.28 -34.68
N GLN D 115 -13.62 -1.45 -34.07
CA GLN D 115 -14.50 -2.60 -34.31
C GLN D 115 -15.90 -2.34 -33.74
N LEU D 116 -15.99 -1.79 -32.52
CA LEU D 116 -17.30 -1.54 -31.92
C LEU D 116 -18.09 -0.47 -32.69
N VAL D 117 -17.42 0.57 -33.20
CA VAL D 117 -18.14 1.61 -33.92
C VAL D 117 -18.57 1.11 -35.28
N ASP D 118 -17.73 0.29 -35.92
CA ASP D 118 -18.12 -0.36 -37.16
C ASP D 118 -19.39 -1.20 -36.96
N MET D 119 -19.40 -2.03 -35.89
CA MET D 119 -20.56 -2.89 -35.64
C MET D 119 -21.79 -2.06 -35.31
N ALA D 120 -21.61 -0.93 -34.62
CA ALA D 120 -22.72 0.00 -34.38
C ALA D 120 -23.18 0.66 -35.67
N ALA D 121 -22.26 0.94 -36.61
CA ALA D 121 -22.64 1.53 -37.89
C ALA D 121 -23.48 0.57 -38.73
N GLN D 122 -23.22 -0.75 -38.65
CA GLN D 122 -24.00 -1.70 -39.43
C GLN D 122 -25.41 -1.85 -38.87
N ILE D 123 -25.52 -1.92 -37.55
CA ILE D 123 -26.83 -1.94 -36.91
C ILE D 123 -27.61 -0.68 -37.26
N ALA D 124 -26.96 0.48 -37.21
CA ALA D 124 -27.69 1.70 -37.53
C ALA D 124 -28.20 1.66 -38.95
N SER D 125 -27.43 1.07 -39.85
CA SER D 125 -27.82 1.08 -41.25
C SER D 125 -29.00 0.14 -41.46
N GLY D 126 -28.94 -1.06 -40.90
CA GLY D 126 -30.13 -1.89 -40.91
C GLY D 126 -31.34 -1.20 -40.31
N MET D 127 -31.13 -0.45 -39.22
CA MET D 127 -32.27 0.20 -38.58
C MET D 127 -32.75 1.36 -39.42
N ALA D 128 -31.84 1.98 -40.17
CA ALA D 128 -32.19 3.03 -41.12
C ALA D 128 -33.02 2.49 -42.27
N TYR D 129 -32.89 1.20 -42.56
CA TYR D 129 -33.69 0.58 -43.61
C TYR D 129 -35.11 0.50 -43.08
N VAL D 130 -35.27 -0.11 -41.91
CA VAL D 130 -36.56 -0.23 -41.22
C VAL D 130 -37.25 1.11 -41.06
N GLU D 131 -36.46 2.12 -40.79
CA GLU D 131 -36.99 3.47 -40.74
C GLU D 131 -37.45 3.95 -42.12
N ARG D 132 -36.68 3.69 -43.18
CA ARG D 132 -37.12 4.13 -44.51
C ARG D 132 -38.41 3.44 -44.91
N MET D 133 -38.55 2.17 -44.56
CA MET D 133 -39.76 1.38 -44.82
C MET D 133 -40.89 1.66 -43.83
N ASN D 134 -40.77 2.70 -43.00
CA ASN D 134 -41.85 3.18 -42.14
C ASN D 134 -42.29 2.12 -41.11
N TYR D 135 -41.34 1.27 -40.72
CA TYR D 135 -41.62 0.17 -39.82
C TYR D 135 -40.94 0.38 -38.47
N VAL D 136 -41.40 -0.37 -37.47
CA VAL D 136 -40.96 -0.28 -36.08
C VAL D 136 -40.39 -1.62 -35.66
N HIS D 137 -39.27 -1.61 -34.94
CA HIS D 137 -38.71 -2.81 -34.35
C HIS D 137 -38.82 -2.66 -32.82
N ARG D 138 -39.84 -3.27 -32.24
CA ARG D 138 -40.19 -2.86 -30.88
C ARG D 138 -39.14 -3.24 -29.84
N ASP D 139 -38.24 -4.18 -30.15
CA ASP D 139 -37.19 -4.58 -29.22
C ASP D 139 -35.83 -4.64 -29.93
N LEU D 140 -34.99 -3.64 -29.70
CA LEU D 140 -33.62 -3.66 -30.22
C LEU D 140 -32.62 -3.75 -29.07
N ARG D 141 -31.91 -4.88 -28.99
CA ARG D 141 -30.92 -5.10 -27.94
C ARG D 141 -29.74 -5.83 -28.56
N ALA D 142 -28.70 -6.05 -27.75
CA ALA D 142 -27.55 -6.81 -28.25
C ALA D 142 -27.85 -8.31 -28.32
N ALA D 143 -28.88 -8.79 -27.61
CA ALA D 143 -29.29 -10.19 -27.74
C ALA D 143 -30.07 -10.48 -29.00
N ASN D 144 -30.70 -9.45 -29.58
CA ASN D 144 -31.44 -9.58 -30.82
C ASN D 144 -30.62 -9.16 -32.02
N ILE D 145 -29.29 -9.19 -31.92
CA ILE D 145 -28.39 -8.85 -33.02
C ILE D 145 -27.41 -9.98 -33.20
N LEU D 146 -27.29 -10.51 -34.41
CA LEU D 146 -26.48 -11.69 -34.67
C LEU D 146 -25.19 -11.32 -35.38
N VAL D 147 -24.08 -11.94 -34.97
CA VAL D 147 -22.75 -11.66 -35.49
C VAL D 147 -22.31 -12.82 -36.37
N GLY D 148 -21.90 -12.51 -37.59
CA GLY D 148 -21.33 -13.48 -38.49
C GLY D 148 -19.82 -13.35 -38.55
N GLU D 149 -19.25 -13.87 -39.63
CA GLU D 149 -17.80 -13.72 -39.76
C GLU D 149 -17.43 -12.41 -40.44
N ASN D 150 -16.20 -11.97 -40.18
CA ASN D 150 -15.72 -10.63 -40.53
C ASN D 150 -16.58 -9.54 -39.87
N LEU D 151 -17.02 -9.79 -38.61
CA LEU D 151 -17.76 -8.81 -37.80
C LEU D 151 -19.00 -8.30 -38.51
N VAL D 152 -19.63 -9.16 -39.31
CA VAL D 152 -20.88 -8.82 -39.96
C VAL D 152 -21.99 -8.94 -38.92
N CYS D 153 -22.67 -7.83 -38.65
CA CYS D 153 -23.81 -7.80 -37.73
C CYS D 153 -25.09 -7.59 -38.52
N LYS D 154 -26.14 -8.29 -38.13
CA LYS D 154 -27.46 -8.15 -38.72
C LYS D 154 -28.52 -8.13 -37.62
N VAL D 155 -29.59 -7.38 -37.88
CA VAL D 155 -30.65 -7.20 -36.89
C VAL D 155 -31.65 -8.34 -36.98
N ALA D 156 -32.08 -8.84 -35.83
CA ALA D 156 -32.99 -9.97 -35.78
C ALA D 156 -34.16 -9.65 -34.88
N ASP D 157 -35.21 -10.49 -34.98
CA ASP D 157 -36.35 -10.49 -34.06
C ASP D 157 -37.10 -9.17 -34.07
N PHE D 158 -37.37 -8.67 -35.26
CA PHE D 158 -38.06 -7.39 -35.40
C PHE D 158 -39.57 -7.51 -35.34
N GLY D 159 -40.14 -8.68 -35.61
CA GLY D 159 -41.58 -8.69 -35.74
C GLY D 159 -42.42 -9.37 -34.67
N LEU D 160 -42.06 -9.18 -33.40
CA LEU D 160 -42.84 -9.76 -32.29
C LEU D 160 -43.66 -8.67 -31.61
N ALA D 161 -44.49 -8.05 -32.44
CA ALA D 161 -45.55 -7.15 -32.02
C ALA D 161 -46.56 -7.88 -31.16
N PHE D 177 -40.33 -6.82 -21.47
CA PHE D 177 -39.61 -7.22 -20.29
C PHE D 177 -38.33 -6.44 -20.21
N PRO D 178 -37.64 -6.27 -21.35
CA PRO D 178 -36.39 -5.49 -21.17
C PRO D 178 -36.65 -4.01 -21.06
N ILE D 179 -37.02 -3.54 -19.87
CA ILE D 179 -37.35 -2.12 -19.69
C ILE D 179 -36.11 -1.24 -19.58
N LYS D 180 -34.93 -1.82 -19.32
CA LYS D 180 -33.71 -1.02 -19.36
C LYS D 180 -33.41 -0.52 -20.77
N TRP D 181 -33.91 -1.21 -21.80
CA TRP D 181 -33.68 -0.87 -23.20
C TRP D 181 -34.81 -0.08 -23.85
N THR D 182 -36.02 -0.09 -23.27
CA THR D 182 -37.19 0.51 -23.89
C THR D 182 -37.29 1.99 -23.53
N ALA D 183 -37.68 2.80 -24.52
CA ALA D 183 -37.88 4.24 -24.32
C ALA D 183 -38.97 4.49 -23.28
N PRO D 184 -38.84 5.56 -22.49
CA PRO D 184 -39.85 5.80 -21.44
C PRO D 184 -41.25 6.08 -22.00
N GLU D 185 -41.37 6.69 -23.18
CA GLU D 185 -42.72 6.89 -23.72
C GLU D 185 -43.37 5.57 -24.10
N ALA D 186 -42.59 4.54 -24.41
CA ALA D 186 -43.13 3.24 -24.82
C ALA D 186 -43.44 2.32 -23.65
N ALA D 187 -42.74 2.49 -22.53
CA ALA D 187 -42.97 1.60 -21.40
C ALA D 187 -44.15 2.07 -20.56
N LEU D 188 -44.37 3.37 -20.47
CA LEU D 188 -45.46 3.92 -19.65
C LEU D 188 -46.74 4.19 -20.43
N TYR D 189 -46.62 4.65 -21.67
CA TYR D 189 -47.79 4.97 -22.48
C TYR D 189 -47.96 4.09 -23.71
N GLY D 190 -47.19 3.01 -23.86
CA GLY D 190 -47.34 2.13 -24.99
C GLY D 190 -47.08 2.73 -26.35
N ARG D 191 -46.41 3.88 -26.37
CA ARG D 191 -46.13 4.59 -27.62
C ARG D 191 -44.81 4.15 -28.24
N PHE D 192 -44.88 3.07 -29.01
CA PHE D 192 -43.71 2.52 -29.69
C PHE D 192 -43.59 3.12 -31.08
N THR D 193 -42.44 3.74 -31.36
CA THR D 193 -42.17 4.34 -32.65
C THR D 193 -40.73 4.04 -33.04
N ILE D 194 -40.32 4.50 -34.23
CA ILE D 194 -38.94 4.35 -34.66
C ILE D 194 -37.99 5.18 -33.79
N LYS D 195 -38.49 6.29 -33.21
CA LYS D 195 -37.70 7.07 -32.25
C LYS D 195 -37.52 6.34 -30.90
N SER D 196 -38.44 5.44 -30.54
CA SER D 196 -38.20 4.55 -29.39
C SER D 196 -37.16 3.47 -29.71
N ASP D 197 -36.96 3.14 -30.99
CA ASP D 197 -35.85 2.28 -31.36
C ASP D 197 -34.52 3.02 -31.31
N VAL D 198 -34.53 4.35 -31.46
CA VAL D 198 -33.29 5.11 -31.34
C VAL D 198 -32.82 5.11 -29.88
N TRP D 199 -33.75 5.26 -28.93
CA TRP D 199 -33.41 5.12 -27.51
C TRP D 199 -32.74 3.78 -27.22
N SER D 200 -33.33 2.66 -27.69
CA SER D 200 -32.70 1.35 -27.47
C SER D 200 -31.34 1.24 -28.17
N PHE D 201 -31.19 1.91 -29.32
CA PHE D 201 -29.89 1.98 -29.97
C PHE D 201 -28.89 2.71 -29.10
N GLY D 202 -29.29 3.76 -28.38
CA GLY D 202 -28.37 4.38 -27.42
C GLY D 202 -28.00 3.46 -26.28
N ILE D 203 -28.98 2.73 -25.73
CA ILE D 203 -28.67 1.74 -24.72
C ILE D 203 -27.81 0.63 -25.30
N LEU D 204 -27.98 0.36 -26.60
CA LEU D 204 -27.19 -0.68 -27.26
C LEU D 204 -25.75 -0.25 -27.45
N LEU D 205 -25.51 1.06 -27.61
CA LEU D 205 -24.15 1.56 -27.71
C LEU D 205 -23.42 1.36 -26.41
N THR D 206 -24.13 1.45 -25.27
CA THR D 206 -23.45 1.20 -24.00
C THR D 206 -22.89 -0.21 -23.95
N GLU D 207 -23.63 -1.22 -24.47
CA GLU D 207 -23.15 -2.60 -24.32
C GLU D 207 -22.03 -2.90 -25.28
N LEU D 208 -21.95 -2.19 -26.40
CA LEU D 208 -20.72 -2.28 -27.19
C LEU D 208 -19.56 -1.66 -26.43
N THR D 209 -19.75 -0.48 -25.84
CA THR D 209 -18.65 0.21 -25.17
C THR D 209 -18.33 -0.38 -23.80
N THR D 210 -19.15 -1.31 -23.30
CA THR D 210 -18.90 -2.02 -22.06
C THR D 210 -18.70 -3.51 -22.29
N LYS D 211 -18.68 -3.95 -23.55
CA LYS D 211 -18.46 -5.36 -23.89
C LYS D 211 -19.49 -6.27 -23.21
N GLY D 212 -20.77 -5.88 -23.32
CA GLY D 212 -21.90 -6.71 -22.98
C GLY D 212 -22.42 -6.53 -21.57
N ARG D 213 -21.89 -5.57 -20.83
CA ARG D 213 -22.37 -5.31 -19.48
C ARG D 213 -23.81 -4.79 -19.53
N VAL D 214 -24.52 -4.95 -18.41
CA VAL D 214 -25.95 -4.67 -18.39
C VAL D 214 -26.17 -3.20 -18.04
N PRO D 215 -27.04 -2.49 -18.77
CA PRO D 215 -27.27 -1.06 -18.51
C PRO D 215 -27.74 -0.84 -17.08
N TYR D 216 -27.69 0.41 -16.67
CA TYR D 216 -28.00 0.81 -15.30
C TYR D 216 -27.37 -0.12 -14.28
N PRO D 217 -26.04 -0.28 -14.30
CA PRO D 217 -25.42 -1.20 -13.35
C PRO D 217 -25.81 -0.82 -11.93
N GLY D 218 -26.36 -1.81 -11.18
CA GLY D 218 -26.74 -1.67 -9.78
C GLY D 218 -28.20 -1.36 -9.52
N MET D 219 -28.97 -1.00 -10.55
CA MET D 219 -30.38 -0.66 -10.40
C MET D 219 -31.27 -1.75 -10.97
N VAL D 220 -32.48 -1.84 -10.44
CA VAL D 220 -33.45 -2.81 -10.92
C VAL D 220 -34.50 -2.10 -11.75
N ASN D 221 -35.35 -2.89 -12.42
CA ASN D 221 -36.19 -2.39 -13.50
C ASN D 221 -37.19 -1.32 -13.06
N ARG D 222 -37.56 -1.27 -11.79
CA ARG D 222 -38.45 -0.19 -11.35
C ARG D 222 -37.70 0.96 -10.71
N GLU D 223 -36.44 0.75 -10.30
CA GLU D 223 -35.64 1.88 -9.83
C GLU D 223 -35.13 2.71 -10.99
N VAL D 224 -35.05 2.11 -12.19
CA VAL D 224 -34.59 2.86 -13.35
C VAL D 224 -35.72 3.70 -13.91
N LEU D 225 -36.95 3.18 -13.87
CA LEU D 225 -38.09 3.99 -14.29
C LEU D 225 -38.25 5.22 -13.39
N ASP D 226 -37.93 5.08 -12.11
CA ASP D 226 -37.83 6.22 -11.21
C ASP D 226 -36.84 7.23 -11.75
N GLN D 227 -35.59 6.80 -11.91
CA GLN D 227 -34.50 7.73 -12.14
C GLN D 227 -34.58 8.34 -13.55
N VAL D 228 -35.08 7.57 -14.52
CA VAL D 228 -35.11 8.10 -15.89
C VAL D 228 -36.07 9.28 -15.99
N GLU D 229 -37.22 9.21 -15.31
CA GLU D 229 -38.14 10.34 -15.29
C GLU D 229 -37.53 11.54 -14.59
N ARG D 230 -36.77 11.32 -13.52
CA ARG D 230 -36.14 12.45 -12.82
C ARG D 230 -34.98 13.04 -13.63
N GLY D 231 -34.63 12.45 -14.77
CA GLY D 231 -33.56 12.96 -15.62
C GLY D 231 -32.27 12.18 -15.60
N TYR D 232 -32.24 11.00 -14.99
CA TYR D 232 -30.98 10.26 -14.91
C TYR D 232 -30.69 9.62 -16.27
N ARG D 233 -29.48 9.80 -16.75
CA ARG D 233 -28.99 9.05 -17.87
C ARG D 233 -27.65 8.44 -17.48
N MET D 234 -27.25 7.42 -18.22
CA MET D 234 -26.06 6.68 -17.85
C MET D 234 -24.82 7.51 -18.13
N PRO D 235 -23.86 7.50 -17.25
CA PRO D 235 -22.66 8.29 -17.46
C PRO D 235 -21.77 7.73 -18.57
N CYS D 236 -20.68 8.43 -18.87
CA CYS D 236 -19.74 7.96 -19.88
C CYS D 236 -19.06 6.66 -19.47
N PRO D 237 -19.11 5.61 -20.29
CA PRO D 237 -18.37 4.38 -19.96
C PRO D 237 -16.88 4.63 -19.89
N PRO D 238 -16.15 3.86 -19.09
CA PRO D 238 -14.71 4.06 -18.99
C PRO D 238 -14.02 3.87 -20.34
N GLU D 239 -13.00 4.71 -20.59
CA GLU D 239 -12.22 4.82 -21.82
C GLU D 239 -13.03 5.19 -23.06
N CYS D 240 -14.33 5.52 -22.93
CA CYS D 240 -15.13 5.81 -24.12
C CYS D 240 -15.17 7.32 -24.36
N PRO D 241 -14.94 7.80 -25.59
CA PRO D 241 -14.87 9.25 -25.81
C PRO D 241 -16.23 9.90 -25.58
N GLU D 242 -16.22 11.06 -24.92
CA GLU D 242 -17.48 11.78 -24.67
C GLU D 242 -18.21 12.12 -25.97
N SER D 243 -17.50 12.25 -27.10
CA SER D 243 -18.20 12.39 -28.38
C SER D 243 -19.16 11.22 -28.65
N LEU D 244 -18.80 10.01 -28.20
CA LEU D 244 -19.72 8.88 -28.34
C LEU D 244 -20.78 8.87 -27.23
N HIS D 245 -20.46 9.40 -26.04
CA HIS D 245 -21.49 9.50 -25.01
C HIS D 245 -22.52 10.58 -25.35
N ASP D 246 -22.09 11.66 -26.04
CA ASP D 246 -23.04 12.68 -26.48
C ASP D 246 -24.01 12.14 -27.52
N LEU D 247 -23.59 11.11 -28.28
CA LEU D 247 -24.47 10.44 -29.23
C LEU D 247 -25.50 9.59 -28.50
N MET D 248 -25.09 9.00 -27.39
CA MET D 248 -26.05 8.25 -26.59
C MET D 248 -27.09 9.17 -25.98
N CYS D 249 -26.68 10.33 -25.43
CA CYS D 249 -27.65 11.24 -24.83
C CYS D 249 -28.61 11.80 -25.87
N GLN D 250 -28.16 12.01 -27.09
CA GLN D 250 -29.09 12.48 -28.08
C GLN D 250 -29.95 11.34 -28.60
N CYS D 251 -29.99 10.25 -27.88
CA CYS D 251 -30.79 9.14 -28.29
C CYS D 251 -31.67 9.00 -27.08
N TRP D 252 -31.16 9.51 -25.98
CA TRP D 252 -31.88 9.48 -24.71
C TRP D 252 -32.54 10.81 -24.39
N ARG D 253 -32.86 11.62 -25.39
CA ARG D 253 -33.58 12.86 -25.17
C ARG D 253 -34.99 12.58 -24.69
N LYS D 254 -35.49 13.43 -23.79
CA LYS D 254 -36.82 13.24 -23.25
C LYS D 254 -37.89 13.30 -24.33
N ASP D 255 -37.76 14.24 -25.30
CA ASP D 255 -38.70 14.39 -26.41
C ASP D 255 -38.37 13.40 -27.52
N PRO D 256 -39.26 12.46 -27.87
CA PRO D 256 -38.94 11.49 -28.95
C PRO D 256 -38.53 12.14 -30.27
N GLU D 257 -39.33 13.08 -30.80
CA GLU D 257 -39.09 13.57 -32.16
C GLU D 257 -37.80 14.37 -32.32
N GLU D 258 -37.13 14.70 -31.21
CA GLU D 258 -35.81 15.31 -31.21
C GLU D 258 -34.69 14.28 -30.99
N ARG D 259 -35.00 13.03 -31.14
CA ARG D 259 -33.92 12.05 -31.20
C ARG D 259 -33.51 11.85 -32.65
N PRO D 260 -32.22 11.59 -32.87
CA PRO D 260 -31.69 11.62 -34.23
C PRO D 260 -32.22 10.48 -35.07
N THR D 261 -32.33 10.75 -36.37
CA THR D 261 -32.68 9.74 -37.35
C THR D 261 -31.59 8.66 -37.41
N PHE D 262 -32.00 7.47 -37.84
CA PHE D 262 -31.01 6.42 -38.10
C PHE D 262 -30.16 6.74 -39.31
N GLU D 263 -30.67 7.57 -40.23
CA GLU D 263 -29.84 8.17 -41.28
C GLU D 263 -28.65 8.89 -40.67
N TYR D 264 -28.94 9.79 -39.73
CA TYR D 264 -27.89 10.57 -39.09
C TYR D 264 -27.00 9.69 -38.22
N LEU D 265 -27.57 8.69 -37.54
CA LEU D 265 -26.75 7.75 -36.75
C LEU D 265 -25.82 6.93 -37.64
N GLN D 266 -26.31 6.51 -38.80
CA GLN D 266 -25.45 5.73 -39.70
C GLN D 266 -24.30 6.59 -40.21
N ALA D 267 -24.60 7.80 -40.69
CA ALA D 267 -23.56 8.68 -41.21
C ALA D 267 -22.58 9.13 -40.14
N PHE D 268 -23.08 9.37 -38.92
CA PHE D 268 -22.21 9.77 -37.82
C PHE D 268 -21.20 8.69 -37.49
N LEU D 269 -21.63 7.44 -37.46
CA LEU D 269 -20.75 6.36 -37.07
C LEU D 269 -19.80 5.96 -38.19
N GLU D 270 -20.28 6.00 -39.43
CA GLU D 270 -19.44 5.73 -40.60
C GLU D 270 -18.29 6.74 -40.74
N ASP D 271 -18.47 7.99 -40.33
CA ASP D 271 -17.39 8.94 -40.48
C ASP D 271 -16.69 9.23 -39.15
N TYR D 272 -16.84 8.33 -38.17
CA TYR D 272 -16.58 8.69 -36.78
C TYR D 272 -15.12 9.04 -36.57
N PHE D 273 -14.21 8.14 -37.00
CA PHE D 273 -12.77 8.33 -36.78
C PHE D 273 -12.10 9.29 -37.76
N THR D 274 -12.83 9.97 -38.65
CA THR D 274 -12.17 11.04 -39.40
C THR D 274 -12.86 12.40 -39.24
N SER D 275 -14.16 12.46 -38.96
CA SER D 275 -14.85 13.73 -38.75
C SER D 275 -15.01 14.13 -37.29
N THR D 276 -14.98 13.18 -36.36
CA THR D 276 -15.32 13.43 -34.96
C THR D 276 -14.17 13.14 -34.00
N GLU D 277 -13.48 12.00 -34.13
CA GLU D 277 -12.31 11.66 -33.33
C GLU D 277 -11.14 11.25 -34.24
N PRO D 278 -10.54 12.20 -34.95
CA PRO D 278 -9.30 11.87 -35.69
C PRO D 278 -8.09 11.70 -34.79
N GLN D 279 -8.13 12.22 -33.57
CA GLN D 279 -7.05 12.09 -32.59
C GLN D 279 -7.13 10.80 -31.77
N TYR D 280 -8.05 9.89 -32.12
CA TYR D 280 -8.26 8.68 -31.34
C TYR D 280 -7.02 7.79 -31.36
N GLN D 281 -6.61 7.32 -30.18
CA GLN D 281 -5.53 6.35 -30.06
C GLN D 281 -6.04 5.10 -29.37
N PRO D 282 -5.69 3.91 -29.86
CA PRO D 282 -6.20 2.68 -29.24
C PRO D 282 -5.67 2.52 -27.82
N GLY D 283 -6.57 2.34 -26.87
CA GLY D 283 -6.24 2.15 -25.47
C GLY D 283 -6.13 0.70 -25.09
N GLU D 284 -6.30 0.45 -23.78
CA GLU D 284 -6.19 -0.91 -23.25
C GLU D 284 -7.47 -1.72 -23.43
N ASN D 285 -8.64 -1.07 -23.45
CA ASN D 285 -9.92 -1.73 -23.69
C ASN D 285 -10.66 -1.23 -24.91
N LEU D 286 -10.67 0.08 -25.11
CA LEU D 286 -11.33 0.64 -26.26
C LEU D 286 -10.29 1.25 -27.21
N1 1E8 E . 34.63 14.05 32.54
C2 1E8 E . 34.50 14.10 31.19
N3 1E8 E . 33.60 14.95 30.62
C4 1E8 E . 32.82 15.76 31.40
C5 1E8 E . 32.96 15.71 32.75
C6 1E8 E . 33.86 14.85 33.32
CAA 1E8 E . 31.02 16.21 24.81
NAB 1E8 E . 34.45 14.34 34.52
OAC 1E8 E . 31.66 13.78 27.11
CAD 1E8 E . 30.46 14.90 25.39
CAE 1E8 E . 27.74 15.69 40.07
CAF 1E8 E . 29.03 15.24 40.10
CAG 1E8 E . 27.45 16.94 39.56
CAI 1E8 E . 30.05 16.05 39.62
CAJ 1E8 E . 28.46 17.75 39.10
CAK 1E8 E . 32.47 17.57 36.96
CAL 1E8 E . 30.09 17.58 36.45
CAM 1E8 E . 32.75 17.21 35.67
CAN 1E8 E . 30.38 17.22 35.16
CAO 1E8 E . 30.35 18.11 27.98
CAP 1E8 E . 30.79 18.03 29.47
CAQ 1E8 E . 29.73 16.80 27.51
CAR 1E8 E . 31.01 15.53 29.19
NAU 1E8 E . 31.41 17.22 32.29
OAV 1E8 E . 30.81 18.11 38.65
CAW 1E8 E . 30.95 14.73 26.82
CAY 1E8 E . 29.77 17.29 39.13
CAZ 1E8 E . 31.10 17.76 37.37
CBA 1E8 E . 31.73 17.04 34.76
CBB 1E8 E . 32.05 16.63 33.30
CBE 1E8 E . 31.66 16.81 29.72
NBF 1E8 E . 31.87 16.68 31.11
NBG 1E8 E . 30.57 15.67 27.83
N1 1E8 F . 9.27 18.00 -9.30
C2 1E8 F . 9.41 19.35 -9.37
N3 1E8 F . 10.36 19.89 -10.19
C4 1E8 F . 11.16 19.08 -10.94
C5 1E8 F . 11.02 17.73 -10.87
C6 1E8 F . 10.07 17.19 -10.05
CAA 1E8 F . 11.78 24.59 -8.06
NAB 1E8 F . 9.45 16.01 -9.52
OAC 1E8 F . 13.55 24.79 -10.10
CAD 1E8 F . 12.26 23.30 -8.74
CAE 1E8 F . 16.06 10.32 -10.47
CAF 1E8 F . 16.34 10.49 -11.79
CAG 1E8 F . 14.80 10.60 -9.97
CAI 1E8 F . 15.36 10.97 -12.63
CAJ 1E8 F . 13.82 11.08 -10.81
CAK 1E8 F . 13.85 13.89 -12.20
CAL 1E8 F . 11.56 13.52 -12.91
CAM 1E8 F . 13.56 15.19 -11.89
CAN 1E8 F . 11.27 14.83 -12.60
CAO 1E8 F . 13.70 22.44 -13.30
CAP 1E8 F . 13.25 20.96 -13.19
CAQ 1E8 F . 14.34 22.91 -12.01
CAR 1E8 F . 13.05 21.26 -10.70
NAU 1E8 F . 12.64 18.14 -12.31
OAV 1E8 F . 13.11 11.74 -13.04
CAW 1E8 F . 13.15 23.64 -9.93
CAY 1E8 F . 14.11 11.25 -12.16
CAZ 1E8 F . 12.83 13.04 -12.72
CBA 1E8 F . 12.28 15.68 -12.09
CBB 1E8 F . 11.95 17.16 -11.73
CBE 1E8 F . 12.39 20.73 -11.97
NBF 1E8 F . 12.16 19.35 -11.82
NBG 1E8 F . 13.51 22.62 -10.87
N1 1E8 G . -15.71 -15.16 12.69
C2 1E8 G . -16.50 -16.27 12.71
N3 1E8 G . -16.03 -17.44 12.24
C4 1E8 G . -14.74 -17.53 11.76
C5 1E8 G . -13.95 -16.43 11.76
C6 1E8 G . -14.43 -15.24 12.22
CAA 1E8 G . -13.17 -23.14 13.17
NAB 1E8 G . -14.20 -13.85 12.48
OAC 1E8 G . -16.37 -23.50 13.42
CAD 1E8 G . -14.25 -22.65 14.13
CAE 1E8 G . -6.88 -14.18 6.28
CAF 1E8 G . -6.24 -14.94 7.23
CAG 1E8 G . -7.87 -13.29 6.66
CAI 1E8 G . -6.60 -14.82 8.56
CAJ 1E8 G . -8.23 -13.18 7.98
CAK 1E8 G . -9.37 -15.72 9.77
CAL 1E8 G . -9.97 -14.12 11.48
CAM 1E8 G . -10.52 -16.43 10.00
CAN 1E8 G . -11.13 -14.83 11.72
CAO 1E8 G . -16.97 -20.78 10.55
CAP 1E8 G . -16.05 -19.55 10.47
CAQ 1E8 G . -17.18 -21.23 11.99
CAR 1E8 G . -15.02 -20.23 12.66
NAU 1E8 G . -12.75 -18.10 10.93
OAV 1E8 G . -7.94 -13.84 10.29
CAW 1E8 G . -15.59 -22.55 13.40
CAY 1E8 G . -7.59 -13.95 8.93
CAZ 1E8 G . -9.09 -14.55 10.52
CBA 1E8 G . -11.41 -16.01 10.96
CBB 1E8 G . -12.70 -16.80 11.23
CBE 1E8 G . -14.76 -19.77 11.22
NBF 1E8 G . -14.03 -18.57 11.26
NBG 1E8 G . -15.93 -21.35 12.68
N1 1E8 H . -28.15 -17.55 -36.03
C2 1E8 H . -27.40 -17.88 -34.94
N3 1E8 H . -27.97 -17.95 -33.72
C4 1E8 H . -29.30 -17.70 -33.57
C5 1E8 H . -30.06 -17.39 -34.64
C6 1E8 H . -29.48 -17.30 -35.88
CAA 1E8 H . -26.62 -16.13 -27.03
NAB 1E8 H . -29.64 -17.06 -37.28
OAC 1E8 H . -25.76 -16.71 -30.34
CAD 1E8 H . -25.93 -17.11 -28.00
CAE 1E8 H . -36.74 -11.62 -36.67
CAF 1E8 H . -35.72 -12.14 -37.42
CAG 1E8 H . -37.60 -12.48 -35.98
CAI 1E8 H . -35.53 -13.51 -37.48
CAJ 1E8 H . -37.41 -13.83 -36.04
CAK 1E8 H . -34.22 -17.15 -36.72
CAL 1E8 H . -34.64 -15.39 -35.11
CAM 1E8 H . -33.06 -17.49 -36.07
CAN 1E8 H . -33.48 -15.74 -34.45
CAO 1E8 H . -29.73 -18.48 -28.81
CAP 1E8 H . -30.43 -18.31 -30.19
CAQ 1E8 H . -28.82 -17.30 -28.51
CAR 1E8 H . -28.49 -16.88 -30.93
NAU 1E8 H . -31.40 -17.39 -32.88
OAV 1E8 H . -36.18 -15.75 -36.88
CAW 1E8 H . -26.50 -16.94 -29.40
CAY 1E8 H . -36.37 -14.35 -36.81
CAZ 1E8 H . -35.02 -16.08 -36.23
CBA 1E8 H . -32.68 -16.80 -34.94
CBB 1E8 H . -31.37 -17.18 -34.20
CBE 1E8 H . -29.42 -18.04 -31.29
NBF 1E8 H . -30.12 -17.71 -32.48
NBG 1E8 H . -27.92 -17.04 -29.62
#